data_4XZH
#
_entry.id   4XZH
#
_cell.length_a   46.485
_cell.length_b   46.684
_cell.length_c   68.315
_cell.angle_alpha   75.02
_cell.angle_beta   78.93
_cell.angle_gamma   74.42
#
_symmetry.space_group_name_H-M   'P 1'
#
loop_
_entity.id
_entity.type
_entity.pdbx_description
1 polymer 'Aldose reductase'
2 non-polymer 'NADP NICOTINAMIDE-ADENINE-DINUCLEOTIDE PHOSPHATE'
3 non-polymer '[3-(4-chloro-3-nitrobenzyl)-2,4-dioxo-3,4-dihydropyrimidin-1(2H)-yl]acetic acid'
4 water water
#
_entity_poly.entity_id   1
_entity_poly.type   'polypeptide(L)'
_entity_poly.pdbx_seq_one_letter_code
;MASRILLNNGAKMPILGLGTWKSPPGQVTEAVKVAIDVGYRHIDCAHVYQNENEVGVAIQEKLREQVVKREELFIVSKLW
CTYHEKGLVKGACQKTLSDLKLDYLDLYLIHWPTGFKPGKEFFPLDESGNVVPSDTNILDTWAAMEELVDEGLVKAIGIS
NFNHLQVEMILNKPGLKYKPAVNQIECHPYLTQEKLIQYCQSKGIVVTAYSPLGSPDRPWAKPEDPSLLEDPRIKAIAAK
HNKTTAQVLIRFPMQRNLVVIPKSVTPERIAENFKVFDFELSSQDMTTLLSYNRNWRVCALLSCTSHKDYPFHEEF
;
_entity_poly.pdbx_strand_id   A,B
#
loop_
_chem_comp.id
_chem_comp.type
_chem_comp.name
_chem_comp.formula
48I non-polymer '[3-(4-chloro-3-nitrobenzyl)-2,4-dioxo-3,4-dihydropyrimidin-1(2H)-yl]acetic acid' 'C13 H10 Cl N3 O6'
NAP non-polymer 'NADP NICOTINAMIDE-ADENINE-DINUCLEOTIDE PHOSPHATE' 'C21 H28 N7 O17 P3'
#
# COMPACT_ATOMS: atom_id res chain seq x y z
N MET A 1 -25.26 23.84 -1.55
CA MET A 1 -24.65 22.51 -1.84
C MET A 1 -25.45 21.39 -1.19
N ALA A 2 -26.48 20.93 -1.91
CA ALA A 2 -27.22 19.74 -1.50
C ALA A 2 -26.27 18.56 -1.49
N SER A 3 -26.50 17.61 -0.59
CA SER A 3 -25.56 16.52 -0.39
C SER A 3 -25.81 15.33 -1.32
N ARG A 4 -26.90 15.32 -2.07
CA ARG A 4 -27.20 14.25 -3.02
C ARG A 4 -27.57 14.78 -4.40
N ILE A 5 -27.34 13.96 -5.42
CA ILE A 5 -27.61 14.31 -6.81
C ILE A 5 -28.63 13.32 -7.36
N LEU A 6 -29.59 13.82 -8.15
CA LEU A 6 -30.62 12.96 -8.72
C LEU A 6 -30.08 12.09 -9.86
N LEU A 7 -30.35 10.79 -9.81
CA LEU A 7 -29.99 9.87 -10.89
C LEU A 7 -31.19 9.62 -11.81
N ASN A 8 -30.89 9.07 -13.00
CA ASN A 8 -31.90 8.89 -14.03
C ASN A 8 -32.74 7.63 -13.83
N ASN A 9 -32.59 7.00 -12.67
CA ASN A 9 -33.54 5.97 -12.23
C ASN A 9 -34.50 6.51 -11.18
N GLY A 10 -34.40 7.80 -10.89
CA GLY A 10 -35.25 8.42 -9.89
C GLY A 10 -34.70 8.43 -8.47
N ALA A 11 -33.55 7.79 -8.25
CA ALA A 11 -32.96 7.74 -6.92
C ALA A 11 -31.95 8.87 -6.71
N LYS A 12 -31.63 9.15 -5.45
CA LYS A 12 -30.64 10.19 -5.13
C LYS A 12 -29.34 9.57 -4.62
N MET A 13 -28.22 10.11 -5.13
CA MET A 13 -26.88 9.58 -4.85
C MET A 13 -26.06 10.60 -4.08
N PRO A 14 -25.51 10.19 -2.92
CA PRO A 14 -24.67 11.15 -2.19
C PRO A 14 -23.42 11.56 -2.96
N ILE A 15 -23.13 12.86 -2.97
CA ILE A 15 -22.04 13.38 -3.79
C ILE A 15 -20.65 13.13 -3.22
N LEU A 16 -20.54 12.75 -1.94
CA LEU A 16 -19.27 12.43 -1.34
C LEU A 16 -19.33 11.01 -0.82
N GLY A 17 -18.52 10.14 -1.42
CA GLY A 17 -18.46 8.76 -0.98
C GLY A 17 -17.06 8.34 -0.56
N LEU A 18 -16.97 7.16 0.02
CA LEU A 18 -15.68 6.60 0.43
C LEU A 18 -15.16 5.60 -0.59
N GLY A 19 -13.95 5.85 -1.08
CA GLY A 19 -13.26 4.90 -1.93
C GLY A 19 -12.64 3.78 -1.10
N THR A 20 -12.58 2.59 -1.68
CA THR A 20 -12.11 1.41 -0.95
C THR A 20 -11.03 0.61 -1.70
N TRP A 21 -10.59 1.05 -2.87
CA TRP A 21 -9.50 0.36 -3.58
C TRP A 21 -8.22 0.55 -2.78
N LYS A 22 -7.57 -0.59 -2.48
CA LYS A 22 -6.29 -0.66 -1.72
C LYS A 22 -6.49 -0.62 -0.20
N SER A 23 -7.72 -0.56 0.27
CA SER A 23 -7.98 -0.64 1.70
C SER A 23 -7.97 -2.12 2.06
N PRO A 24 -6.99 -2.60 2.83
CA PRO A 24 -6.91 -4.07 2.97
C PRO A 24 -7.98 -4.67 3.83
N PRO A 25 -8.25 -5.97 3.64
CA PRO A 25 -9.34 -6.60 4.39
C PRO A 25 -9.25 -6.40 5.91
N GLY A 26 -8.04 -6.47 6.47
CA GLY A 26 -7.87 -6.36 7.90
C GLY A 26 -8.10 -4.98 8.50
N GLN A 27 -8.18 -3.95 7.65
CA GLN A 27 -8.30 -2.59 8.12
C GLN A 27 -9.59 -1.90 7.59
N VAL A 28 -10.22 -2.46 6.56
CA VAL A 28 -11.30 -1.73 5.92
C VAL A 28 -12.60 -1.77 6.73
N THR A 29 -12.80 -2.76 7.60
CA THR A 29 -14.02 -2.75 8.42
C THR A 29 -14.01 -1.52 9.33
N GLU A 30 -12.90 -1.29 10.01
CA GLU A 30 -12.76 -0.09 10.85
C GLU A 30 -12.98 1.17 10.01
N ALA A 31 -12.37 1.22 8.83
CA ALA A 31 -12.48 2.40 7.97
C ALA A 31 -13.93 2.73 7.61
N VAL A 32 -14.68 1.72 7.18
CA VAL A 32 -16.04 1.94 6.75
C VAL A 32 -16.95 2.26 7.96
N LYS A 33 -16.71 1.63 9.10
CA LYS A 33 -17.47 1.98 10.30
C LYS A 33 -17.27 3.44 10.68
N VAL A 34 -16.02 3.91 10.68
CA VAL A 34 -15.73 5.31 10.98
C VAL A 34 -16.40 6.21 9.93
N ALA A 35 -16.28 5.82 8.66
CA ALA A 35 -16.87 6.63 7.60
C ALA A 35 -18.38 6.81 7.83
N ILE A 36 -19.10 5.72 8.08
CA ILE A 36 -20.52 5.82 8.31
C ILE A 36 -20.80 6.73 9.53
N ASP A 37 -20.00 6.59 10.57
CA ASP A 37 -20.19 7.42 11.77
C ASP A 37 -20.11 8.90 11.45
N VAL A 38 -19.14 9.29 10.64
CA VAL A 38 -18.90 10.71 10.42
C VAL A 38 -19.76 11.31 9.31
N GLY A 39 -20.54 10.46 8.64
CA GLY A 39 -21.54 10.95 7.72
C GLY A 39 -21.54 10.35 6.32
N TYR A 40 -20.53 9.56 5.97
CA TYR A 40 -20.53 8.97 4.64
C TYR A 40 -21.71 8.00 4.54
N ARG A 41 -22.41 8.06 3.41
CA ARG A 41 -23.51 7.15 3.12
C ARG A 41 -23.24 6.35 1.84
N HIS A 42 -22.41 6.93 1.00
CA HIS A 42 -22.03 6.33 -0.28
C HIS A 42 -20.68 5.65 -0.09
N ILE A 43 -20.60 4.36 -0.42
CA ILE A 43 -19.34 3.61 -0.37
C ILE A 43 -19.12 3.04 -1.78
N ASP A 44 -17.93 3.31 -2.33
CA ASP A 44 -17.56 2.80 -3.64
C ASP A 44 -16.73 1.51 -3.48
N CYS A 45 -17.27 0.43 -4.03
CA CYS A 45 -16.72 -0.90 -3.87
C CYS A 45 -16.45 -1.54 -5.23
N ALA A 46 -15.76 -2.68 -5.21
CA ALA A 46 -15.65 -3.50 -6.41
C ALA A 46 -15.20 -4.90 -6.05
N HIS A 47 -15.65 -5.88 -6.81
CA HIS A 47 -15.19 -7.24 -6.60
C HIS A 47 -13.67 -7.34 -6.73
N VAL A 48 -13.07 -6.63 -7.69
CA VAL A 48 -11.63 -6.73 -7.89
C VAL A 48 -10.83 -6.16 -6.73
N TYR A 49 -11.44 -5.34 -5.89
CA TYR A 49 -10.73 -4.78 -4.72
C TYR A 49 -10.54 -5.86 -3.64
N GLN A 50 -11.31 -6.95 -3.71
CA GLN A 50 -11.08 -8.14 -2.87
C GLN A 50 -11.11 -7.80 -1.38
N ASN A 51 -12.05 -6.92 -1.04
CA ASN A 51 -12.31 -6.53 0.33
C ASN A 51 -13.79 -6.29 0.57
N GLU A 52 -14.65 -6.73 -0.33
CA GLU A 52 -16.08 -6.47 -0.17
C GLU A 52 -16.64 -7.17 1.05
N ASN A 53 -16.10 -8.33 1.41
CA ASN A 53 -16.62 -8.98 2.60
C ASN A 53 -16.49 -8.08 3.81
N GLU A 54 -15.33 -7.46 3.96
CA GLU A 54 -15.03 -6.65 5.14
C GLU A 54 -15.74 -5.30 5.10
N VAL A 55 -15.94 -4.73 3.91
CA VAL A 55 -16.85 -3.60 3.80
C VAL A 55 -18.25 -4.00 4.31
N GLY A 56 -18.71 -5.18 3.90
CA GLY A 56 -20.01 -5.67 4.29
C GLY A 56 -20.15 -5.84 5.79
N VAL A 57 -19.10 -6.30 6.46
CA VAL A 57 -19.15 -6.43 7.91
C VAL A 57 -19.42 -5.06 8.54
N ALA A 58 -18.74 -4.01 8.09
CA ALA A 58 -18.95 -2.68 8.63
C ALA A 58 -20.40 -2.25 8.46
N ILE A 59 -20.95 -2.50 7.28
CA ILE A 59 -22.35 -2.16 7.05
C ILE A 59 -23.27 -2.92 8.02
N GLN A 60 -23.06 -4.24 8.15
CA GLN A 60 -23.88 -5.03 9.06
C GLN A 60 -23.78 -4.51 10.49
N GLU A 61 -22.58 -4.16 10.91
CA GLU A 61 -22.39 -3.58 12.24
C GLU A 61 -23.19 -2.32 12.42
N LYS A 62 -23.13 -1.40 11.47
CA LYS A 62 -23.80 -0.13 11.63
C LYS A 62 -25.32 -0.25 11.53
N LEU A 63 -25.81 -1.24 10.78
CA LEU A 63 -27.22 -1.55 10.82
C LEU A 63 -27.60 -2.06 12.20
N ARG A 64 -26.86 -3.03 12.73
CA ARG A 64 -27.18 -3.61 14.03
C ARG A 64 -27.10 -2.56 15.14
N GLU A 65 -26.12 -1.68 15.05
CA GLU A 65 -25.93 -0.63 16.06
C GLU A 65 -27.00 0.45 16.01
N GLN A 66 -27.83 0.46 14.95
CA GLN A 66 -28.89 1.46 14.76
C GLN A 66 -28.30 2.83 14.43
N VAL A 67 -27.16 2.82 13.73
CA VAL A 67 -26.50 4.06 13.29
C VAL A 67 -27.03 4.53 11.94
N VAL A 68 -27.40 3.57 11.09
CA VAL A 68 -27.98 3.84 9.78
C VAL A 68 -28.94 2.73 9.45
N LYS A 69 -29.83 3.01 8.51
CA LYS A 69 -30.68 1.98 7.92
C LYS A 69 -30.26 1.77 6.47
N ARG A 70 -30.56 0.61 5.93
CA ARG A 70 -30.06 0.24 4.60
C ARG A 70 -30.38 1.29 3.52
N GLU A 71 -31.59 1.83 3.56
CA GLU A 71 -32.06 2.71 2.50
C GLU A 71 -31.33 4.06 2.49
N GLU A 72 -30.68 4.38 3.61
CA GLU A 72 -29.88 5.61 3.70
C GLU A 72 -28.50 5.44 3.08
N LEU A 73 -28.06 4.20 2.92
CA LEU A 73 -26.77 3.92 2.31
C LEU A 73 -26.90 3.85 0.80
N PHE A 74 -25.83 4.19 0.11
CA PHE A 74 -25.76 4.12 -1.34
C PHE A 74 -24.51 3.30 -1.67
N ILE A 75 -24.73 2.02 -1.93
CA ILE A 75 -23.61 1.09 -2.10
C ILE A 75 -23.45 0.79 -3.58
N VAL A 76 -22.24 1.07 -4.06
CA VAL A 76 -21.87 0.88 -5.45
C VAL A 76 -20.87 -0.26 -5.55
N SER A 77 -21.08 -1.15 -6.51
CA SER A 77 -20.02 -2.09 -6.87
C SER A 77 -19.93 -2.17 -8.39
N LYS A 78 -19.04 -3.05 -8.86
CA LYS A 78 -18.65 -3.07 -10.25
C LYS A 78 -18.37 -4.50 -10.69
N LEU A 79 -18.82 -4.78 -11.91
CA LEU A 79 -18.61 -6.03 -12.62
C LEU A 79 -17.18 -6.08 -13.13
N TRP A 80 -16.39 -7.04 -12.66
CA TRP A 80 -15.00 -7.10 -13.12
C TRP A 80 -14.92 -7.63 -14.56
N CYS A 81 -13.79 -7.32 -15.19
CA CYS A 81 -13.57 -7.56 -16.61
C CYS A 81 -13.68 -9.04 -17.02
N THR A 82 -13.38 -9.96 -16.11
CA THR A 82 -13.43 -11.39 -16.42
C THR A 82 -14.86 -11.95 -16.39
N TYR A 83 -15.87 -11.10 -16.14
CA TYR A 83 -17.26 -11.55 -16.05
C TYR A 83 -18.17 -10.83 -17.05
N HIS A 84 -17.63 -10.37 -18.18
CA HIS A 84 -18.46 -9.66 -19.15
C HIS A 84 -19.41 -10.54 -19.95
N GLU A 85 -19.15 -11.84 -20.03
CA GLU A 85 -20.07 -12.72 -20.76
C GLU A 85 -21.46 -12.65 -20.15
N LYS A 86 -22.50 -12.56 -20.98
CA LYS A 86 -23.86 -12.41 -20.48
CA LYS A 86 -23.85 -12.41 -20.47
C LYS A 86 -24.17 -13.46 -19.42
N GLY A 87 -23.76 -14.71 -19.67
CA GLY A 87 -24.06 -15.81 -18.76
C GLY A 87 -23.37 -15.75 -17.40
N LEU A 88 -22.39 -14.87 -17.25
CA LEU A 88 -21.63 -14.78 -16.01
C LEU A 88 -22.03 -13.58 -15.17
N VAL A 89 -22.75 -12.63 -15.76
CA VAL A 89 -23.00 -11.36 -15.10
C VAL A 89 -23.84 -11.51 -13.83
N LYS A 90 -24.92 -12.27 -13.89
CA LYS A 90 -25.77 -12.40 -12.73
C LYS A 90 -25.01 -13.03 -11.56
N GLY A 91 -24.27 -14.10 -11.84
CA GLY A 91 -23.49 -14.73 -10.80
C GLY A 91 -22.45 -13.82 -10.18
N ALA A 92 -21.84 -12.96 -11.00
CA ALA A 92 -20.85 -12.02 -10.49
C ALA A 92 -21.52 -11.02 -9.57
N CYS A 93 -22.69 -10.53 -9.96
CA CYS A 93 -23.43 -9.61 -9.13
C CYS A 93 -23.82 -10.28 -7.81
N GLN A 94 -24.32 -11.50 -7.90
CA GLN A 94 -24.72 -12.25 -6.70
C GLN A 94 -23.54 -12.49 -5.76
N LYS A 95 -22.36 -12.74 -6.31
CA LYS A 95 -21.16 -12.91 -5.48
C LYS A 95 -20.87 -11.64 -4.70
N THR A 96 -20.89 -10.50 -5.40
CA THR A 96 -20.70 -9.22 -4.76
C THR A 96 -21.77 -8.98 -3.68
N LEU A 97 -23.03 -9.31 -3.98
CA LEU A 97 -24.08 -9.16 -2.98
C LEU A 97 -23.83 -10.05 -1.76
N SER A 98 -23.39 -11.28 -1.98
CA SER A 98 -23.11 -12.21 -0.89
C SER A 98 -21.96 -11.68 -0.02
N ASP A 99 -20.95 -11.11 -0.68
CA ASP A 99 -19.78 -10.59 0.04
C ASP A 99 -20.14 -9.32 0.79
N LEU A 100 -20.86 -8.41 0.13
CA LEU A 100 -21.30 -7.20 0.81
C LEU A 100 -22.40 -7.49 1.84
N LYS A 101 -23.02 -8.66 1.74
CA LYS A 101 -24.12 -9.10 2.63
C LYS A 101 -25.34 -8.19 2.53
N LEU A 102 -25.69 -7.87 1.27
CA LEU A 102 -26.83 -7.01 0.95
C LEU A 102 -27.84 -7.73 0.08
N ASP A 103 -29.08 -7.22 0.09
CA ASP A 103 -30.14 -7.79 -0.74
CA ASP A 103 -30.18 -7.72 -0.74
C ASP A 103 -30.13 -7.17 -2.15
N TYR A 104 -29.63 -5.95 -2.25
CA TYR A 104 -29.57 -5.23 -3.52
C TYR A 104 -28.40 -4.26 -3.48
N LEU A 105 -27.96 -3.84 -4.67
CA LEU A 105 -27.02 -2.73 -4.81
C LEU A 105 -27.75 -1.49 -5.26
N ASP A 106 -27.26 -0.32 -4.84
CA ASP A 106 -27.83 0.93 -5.34
C ASP A 106 -27.37 1.23 -6.75
N LEU A 107 -26.16 0.81 -7.08
CA LEU A 107 -25.60 1.08 -8.40
C LEU A 107 -24.57 0.00 -8.71
N TYR A 108 -24.64 -0.54 -9.91
CA TYR A 108 -23.70 -1.56 -10.38
C TYR A 108 -23.12 -1.09 -11.70
N LEU A 109 -21.80 -1.01 -11.76
CA LEU A 109 -21.10 -0.48 -12.93
C LEU A 109 -20.37 -1.56 -13.72
N ILE A 110 -20.31 -1.41 -15.04
CA ILE A 110 -19.32 -2.12 -15.81
C ILE A 110 -17.97 -1.45 -15.51
N HIS A 111 -17.08 -2.17 -14.86
CA HIS A 111 -15.89 -1.55 -14.23
C HIS A 111 -14.95 -0.91 -15.29
N TRP A 112 -14.73 -1.65 -16.37
CA TRP A 112 -13.96 -1.18 -17.54
C TRP A 112 -14.68 -1.71 -18.78
N PRO A 113 -14.54 -1.00 -19.92
CA PRO A 113 -15.23 -1.48 -21.12
C PRO A 113 -14.64 -2.74 -21.71
N THR A 114 -13.46 -3.13 -21.25
CA THR A 114 -12.70 -4.26 -21.79
C THR A 114 -13.07 -5.58 -21.09
N GLY A 115 -13.52 -6.57 -21.86
CA GLY A 115 -13.71 -7.91 -21.31
C GLY A 115 -12.40 -8.67 -21.31
N PHE A 116 -12.14 -9.40 -20.23
CA PHE A 116 -10.96 -10.24 -20.10
C PHE A 116 -11.40 -11.71 -20.09
N LYS A 117 -10.49 -12.58 -20.52
CA LYS A 117 -10.69 -14.02 -20.49
C LYS A 117 -11.30 -14.48 -19.17
N PRO A 118 -12.42 -15.23 -19.22
CA PRO A 118 -13.00 -15.70 -17.96
C PRO A 118 -12.11 -16.74 -17.29
N GLY A 119 -12.12 -16.73 -15.97
CA GLY A 119 -11.29 -17.63 -15.21
C GLY A 119 -10.96 -17.04 -13.87
N LYS A 120 -10.15 -17.75 -13.12
CA LYS A 120 -9.85 -17.37 -11.75
C LYS A 120 -8.98 -16.11 -11.67
N GLU A 121 -8.02 -15.99 -12.58
CA GLU A 121 -7.09 -14.84 -12.61
C GLU A 121 -7.83 -13.55 -13.00
N PHE A 122 -7.65 -12.49 -12.23
CA PHE A 122 -8.29 -11.22 -12.55
C PHE A 122 -7.62 -10.48 -13.71
N PHE A 123 -6.32 -10.69 -13.90
CA PHE A 123 -5.58 -10.00 -14.95
C PHE A 123 -4.77 -11.06 -15.71
N PRO A 124 -5.46 -11.89 -16.51
CA PRO A 124 -4.76 -12.95 -17.24
C PRO A 124 -3.87 -12.34 -18.30
N LEU A 125 -2.60 -12.73 -18.32
CA LEU A 125 -1.63 -12.17 -19.25
C LEU A 125 -1.08 -13.25 -20.15
N ASP A 126 -0.73 -12.88 -21.39
CA ASP A 126 -0.01 -13.80 -22.26
C ASP A 126 1.48 -13.47 -22.30
N GLU A 127 2.21 -14.21 -23.13
CA GLU A 127 3.67 -14.15 -23.18
C GLU A 127 4.20 -12.83 -23.74
N SER A 128 3.32 -12.03 -24.33
CA SER A 128 3.71 -10.68 -24.75
C SER A 128 3.50 -9.65 -23.65
N GLY A 129 2.93 -10.05 -22.51
CA GLY A 129 2.64 -9.13 -21.43
C GLY A 129 1.36 -8.35 -21.64
N ASN A 130 0.52 -8.79 -22.56
CA ASN A 130 -0.78 -8.17 -22.76
C ASN A 130 -1.87 -9.01 -22.16
N VAL A 131 -2.94 -8.36 -21.74
CA VAL A 131 -4.08 -9.03 -21.15
C VAL A 131 -4.75 -9.90 -22.21
N VAL A 132 -5.21 -11.06 -21.79
CA VAL A 132 -5.98 -11.94 -22.64
C VAL A 132 -7.45 -11.49 -22.61
N PRO A 133 -8.00 -11.06 -23.76
CA PRO A 133 -9.38 -10.57 -23.79
C PRO A 133 -10.40 -11.69 -23.81
N SER A 134 -11.66 -11.34 -23.65
CA SER A 134 -12.77 -12.24 -23.93
C SER A 134 -13.56 -11.81 -25.16
N ASP A 135 -14.31 -12.77 -25.70
CA ASP A 135 -15.18 -12.52 -26.85
C ASP A 135 -16.50 -11.93 -26.36
N THR A 136 -16.42 -10.70 -25.91
CA THR A 136 -17.56 -9.99 -25.37
C THR A 136 -17.55 -8.58 -25.93
N ASN A 137 -18.69 -7.93 -25.88
CA ASN A 137 -18.82 -6.58 -26.41
C ASN A 137 -19.65 -5.76 -25.44
N ILE A 138 -19.51 -4.45 -25.57
CA ILE A 138 -20.15 -3.51 -24.65
C ILE A 138 -21.66 -3.66 -24.65
N LEU A 139 -22.25 -3.82 -25.83
CA LEU A 139 -23.69 -3.80 -25.92
C LEU A 139 -24.34 -5.05 -25.32
N ASP A 140 -23.74 -6.22 -25.54
CA ASP A 140 -24.29 -7.45 -24.97
C ASP A 140 -24.10 -7.47 -23.46
N THR A 141 -22.95 -6.98 -22.98
CA THR A 141 -22.71 -6.90 -21.55
C THR A 141 -23.72 -5.94 -20.92
N TRP A 142 -23.99 -4.80 -21.60
CA TRP A 142 -25.00 -3.88 -21.11
C TRP A 142 -26.37 -4.55 -20.99
N ALA A 143 -26.78 -5.33 -21.99
CA ALA A 143 -28.07 -6.00 -21.92
C ALA A 143 -28.16 -6.90 -20.69
N ALA A 144 -27.06 -7.56 -20.35
CA ALA A 144 -27.02 -8.42 -19.17
C ALA A 144 -27.14 -7.59 -17.90
N MET A 145 -26.51 -6.43 -17.90
CA MET A 145 -26.66 -5.51 -16.78
C MET A 145 -28.11 -5.06 -16.63
N GLU A 146 -28.78 -4.80 -17.74
CA GLU A 146 -30.17 -4.37 -17.70
C GLU A 146 -31.06 -5.41 -17.02
N GLU A 147 -30.76 -6.68 -17.26
CA GLU A 147 -31.55 -7.74 -16.64
C GLU A 147 -31.46 -7.70 -15.12
N LEU A 148 -30.33 -7.22 -14.60
CA LEU A 148 -30.16 -7.15 -13.15
C LEU A 148 -31.12 -6.14 -12.52
N VAL A 149 -31.44 -5.09 -13.26
CA VAL A 149 -32.40 -4.10 -12.81
C VAL A 149 -33.80 -4.72 -12.80
N ASP A 150 -34.14 -5.39 -13.91
CA ASP A 150 -35.46 -6.00 -14.02
C ASP A 150 -35.66 -7.12 -13.00
N GLU A 151 -34.57 -7.78 -12.60
CA GLU A 151 -34.63 -8.88 -11.64
C GLU A 151 -34.55 -8.39 -10.19
N GLY A 152 -34.31 -7.09 -10.01
CA GLY A 152 -34.33 -6.49 -8.68
C GLY A 152 -33.06 -6.63 -7.87
N LEU A 153 -31.96 -7.04 -8.51
CA LEU A 153 -30.69 -7.18 -7.81
CA LEU A 153 -30.68 -7.18 -7.82
C LEU A 153 -30.01 -5.83 -7.61
N VAL A 154 -30.24 -4.90 -8.55
CA VAL A 154 -29.61 -3.58 -8.48
C VAL A 154 -30.63 -2.54 -8.87
N LYS A 155 -30.51 -1.36 -8.27
CA LYS A 155 -31.47 -0.28 -8.50
C LYS A 155 -31.13 0.57 -9.72
N ALA A 156 -29.84 0.62 -10.06
CA ALA A 156 -29.33 1.39 -11.19
C ALA A 156 -28.11 0.70 -11.72
N ILE A 157 -27.85 0.91 -13.01
CA ILE A 157 -26.64 0.44 -13.65
C ILE A 157 -25.92 1.60 -14.32
N GLY A 158 -24.61 1.44 -14.46
CA GLY A 158 -23.78 2.45 -15.06
C GLY A 158 -22.49 1.86 -15.58
N ILE A 159 -21.56 2.74 -15.90
CA ILE A 159 -20.32 2.38 -16.57
C ILE A 159 -19.17 3.12 -15.90
N SER A 160 -17.96 2.70 -16.23
CA SER A 160 -16.77 3.32 -15.67
C SER A 160 -15.65 3.19 -16.69
N ASN A 161 -14.88 4.26 -16.85
CA ASN A 161 -13.79 4.31 -17.82
C ASN A 161 -14.28 4.14 -19.26
N PHE A 162 -15.50 4.62 -19.54
CA PHE A 162 -15.98 4.61 -20.91
C PHE A 162 -15.71 5.96 -21.55
N ASN A 163 -15.18 5.96 -22.75
CA ASN A 163 -15.02 7.20 -23.49
C ASN A 163 -16.33 7.61 -24.15
N HIS A 164 -16.40 8.80 -24.73
CA HIS A 164 -17.70 9.30 -25.17
C HIS A 164 -18.31 8.45 -26.28
N LEU A 165 -17.48 7.87 -27.12
CA LEU A 165 -18.00 7.02 -28.20
C LEU A 165 -18.58 5.74 -27.64
N GLN A 166 -17.98 5.22 -26.58
CA GLN A 166 -18.48 4.02 -25.93
C GLN A 166 -19.80 4.30 -25.22
N VAL A 167 -19.89 5.47 -24.60
CA VAL A 167 -21.16 5.90 -24.02
C VAL A 167 -22.22 5.99 -25.11
N GLU A 168 -21.87 6.63 -26.23
CA GLU A 168 -22.81 6.80 -27.34
C GLU A 168 -23.33 5.46 -27.86
N MET A 169 -22.45 4.47 -27.94
CA MET A 169 -22.82 3.13 -28.40
CA MET A 169 -22.85 3.15 -28.42
C MET A 169 -24.00 2.60 -27.59
N ILE A 170 -23.91 2.76 -26.27
CA ILE A 170 -25.00 2.34 -25.41
C ILE A 170 -26.25 3.21 -25.63
N LEU A 171 -26.10 4.54 -25.66
CA LEU A 171 -27.23 5.45 -25.79
C LEU A 171 -28.02 5.18 -27.07
N ASN A 172 -27.34 4.72 -28.12
CA ASN A 172 -27.97 4.45 -29.42
C ASN A 172 -28.28 2.99 -29.70
N LYS A 173 -28.10 2.14 -28.71
CA LYS A 173 -28.33 0.72 -28.88
C LYS A 173 -29.79 0.45 -29.22
N PRO A 174 -30.05 -0.32 -30.29
CA PRO A 174 -31.42 -0.74 -30.57
C PRO A 174 -32.00 -1.52 -29.39
N GLY A 175 -33.21 -1.15 -28.98
CA GLY A 175 -33.88 -1.85 -27.90
C GLY A 175 -33.34 -1.53 -26.51
N LEU A 176 -32.56 -0.46 -26.39
CA LEU A 176 -32.05 -0.02 -25.09
C LEU A 176 -33.17 0.00 -24.06
N LYS A 177 -32.90 -0.54 -22.88
CA LYS A 177 -33.88 -0.63 -21.79
CA LYS A 177 -33.90 -0.60 -21.80
C LYS A 177 -33.59 0.40 -20.68
N TYR A 178 -32.31 0.61 -20.40
CA TYR A 178 -31.89 1.57 -19.37
C TYR A 178 -30.67 2.32 -19.86
N LYS A 179 -30.69 3.65 -19.76
CA LYS A 179 -29.47 4.43 -19.97
C LYS A 179 -28.53 4.24 -18.79
N PRO A 180 -27.22 4.41 -19.02
CA PRO A 180 -26.32 4.43 -17.86
C PRO A 180 -26.66 5.56 -16.92
N ALA A 181 -26.68 5.29 -15.61
CA ALA A 181 -26.98 6.35 -14.64
C ALA A 181 -25.76 7.19 -14.32
N VAL A 182 -24.59 6.56 -14.41
CA VAL A 182 -23.33 7.13 -13.98
C VAL A 182 -22.22 6.67 -14.92
N ASN A 183 -21.26 7.55 -15.19
CA ASN A 183 -19.94 7.17 -15.74
C ASN A 183 -18.91 7.60 -14.69
N GLN A 184 -18.20 6.62 -14.14
CA GLN A 184 -17.18 6.88 -13.13
C GLN A 184 -15.81 6.90 -13.81
N ILE A 185 -15.11 8.04 -13.72
CA ILE A 185 -13.90 8.30 -14.48
C ILE A 185 -12.85 8.97 -13.58
N GLU A 186 -11.58 8.84 -13.94
CA GLU A 186 -10.53 9.54 -13.23
C GLU A 186 -10.70 11.04 -13.42
N CYS A 187 -10.61 11.83 -12.35
CA CYS A 187 -10.77 13.26 -12.51
C CYS A 187 -10.16 14.00 -11.33
N HIS A 188 -9.29 14.96 -11.62
CA HIS A 188 -8.56 15.73 -10.62
C HIS A 188 -7.96 16.93 -11.37
N PRO A 189 -7.28 17.84 -10.66
CA PRO A 189 -6.79 19.04 -11.37
C PRO A 189 -5.79 18.77 -12.50
N TYR A 190 -5.11 17.62 -12.54
CA TYR A 190 -4.19 17.34 -13.65
C TYR A 190 -4.88 16.63 -14.81
N LEU A 191 -6.12 16.19 -14.61
CA LEU A 191 -6.94 15.50 -15.62
C LEU A 191 -8.39 15.95 -15.40
N THR A 192 -8.70 17.15 -15.86
CA THR A 192 -9.94 17.80 -15.48
C THR A 192 -11.16 17.30 -16.26
N GLN A 193 -10.93 16.60 -17.37
CA GLN A 193 -12.02 15.90 -18.07
C GLN A 193 -13.13 16.82 -18.55
N GLU A 194 -12.80 18.02 -18.98
CA GLU A 194 -13.84 18.98 -19.31
C GLU A 194 -14.77 18.43 -20.43
N LYS A 195 -14.19 17.85 -21.49
CA LYS A 195 -15.02 17.40 -22.60
C LYS A 195 -15.91 16.21 -22.25
N LEU A 196 -15.37 15.21 -21.55
CA LEU A 196 -16.17 14.04 -21.22
C LEU A 196 -17.23 14.39 -20.18
N ILE A 197 -16.91 15.28 -19.25
CA ILE A 197 -17.91 15.72 -18.28
C ILE A 197 -19.03 16.48 -18.98
N GLN A 198 -18.67 17.39 -19.89
CA GLN A 198 -19.66 18.15 -20.64
C GLN A 198 -20.57 17.17 -21.38
N TYR A 199 -19.96 16.19 -22.02
CA TYR A 199 -20.70 15.20 -22.78
C TYR A 199 -21.69 14.41 -21.89
N CYS A 200 -21.19 13.83 -20.81
CA CYS A 200 -22.04 12.98 -19.99
C CYS A 200 -23.15 13.77 -19.30
N GLN A 201 -22.83 14.92 -18.75
CA GLN A 201 -23.84 15.69 -18.03
C GLN A 201 -24.95 16.09 -19.00
N SER A 202 -24.61 16.40 -20.26
CA SER A 202 -25.62 16.84 -21.23
C SER A 202 -26.57 15.71 -21.52
N LYS A 203 -26.10 14.48 -21.35
CA LYS A 203 -26.93 13.30 -21.54
C LYS A 203 -27.67 12.88 -20.27
N GLY A 204 -27.57 13.67 -19.20
CA GLY A 204 -28.21 13.32 -17.93
C GLY A 204 -27.55 12.16 -17.22
N ILE A 205 -26.28 11.91 -17.54
CA ILE A 205 -25.47 10.88 -16.90
C ILE A 205 -24.62 11.57 -15.85
N VAL A 206 -24.72 11.13 -14.60
CA VAL A 206 -23.95 11.70 -13.53
C VAL A 206 -22.51 11.18 -13.61
N VAL A 207 -21.55 12.08 -13.42
CA VAL A 207 -20.15 11.69 -13.42
C VAL A 207 -19.63 11.59 -11.99
N THR A 208 -19.00 10.46 -11.70
CA THR A 208 -18.23 10.29 -10.47
C THR A 208 -16.73 10.40 -10.76
N ALA A 209 -16.08 11.28 -10.01
CA ALA A 209 -14.64 11.49 -10.08
C ALA A 209 -13.90 10.54 -9.16
N TYR A 210 -13.12 9.64 -9.76
CA TYR A 210 -12.25 8.76 -9.00
C TYR A 210 -10.82 9.29 -8.98
N SER A 211 -10.03 8.76 -8.05
CA SER A 211 -8.67 9.22 -7.79
C SER A 211 -8.57 10.75 -7.67
N PRO A 212 -9.45 11.36 -6.86
CA PRO A 212 -9.47 12.83 -6.81
C PRO A 212 -8.23 13.42 -6.15
N LEU A 213 -7.48 12.61 -5.40
CA LEU A 213 -6.24 13.04 -4.76
C LEU A 213 -5.02 12.61 -5.56
N GLY A 214 -5.25 12.06 -6.74
CA GLY A 214 -4.18 11.59 -7.60
C GLY A 214 -3.66 10.20 -7.31
N SER A 215 -4.38 9.43 -6.50
CA SER A 215 -4.02 8.03 -6.22
C SER A 215 -2.53 7.83 -5.91
N PRO A 216 -2.02 8.53 -4.89
CA PRO A 216 -0.58 8.38 -4.58
C PRO A 216 -0.19 6.97 -4.13
N ASP A 217 -1.19 6.20 -3.72
CA ASP A 217 -0.93 4.84 -3.25
C ASP A 217 -1.08 3.79 -4.36
N ARG A 218 -1.31 4.21 -5.60
CA ARG A 218 -1.44 3.24 -6.71
C ARG A 218 -0.17 2.42 -6.81
N PRO A 219 -0.25 1.17 -7.29
CA PRO A 219 1.01 0.41 -7.25
C PRO A 219 2.02 0.75 -8.34
N TRP A 220 1.52 1.04 -9.54
CA TRP A 220 2.36 1.14 -10.72
C TRP A 220 2.85 2.58 -10.94
N ALA A 221 2.75 3.41 -9.90
CA ALA A 221 3.17 4.80 -9.99
C ALA A 221 4.62 4.90 -10.43
N LYS A 222 4.96 6.03 -11.06
CA LYS A 222 6.31 6.24 -11.57
C LYS A 222 7.03 7.32 -10.80
N PRO A 223 8.27 7.03 -10.34
CA PRO A 223 8.98 8.06 -9.58
C PRO A 223 8.83 9.38 -10.31
N GLU A 224 8.92 9.28 -11.63
CA GLU A 224 8.72 10.42 -12.50
C GLU A 224 7.22 10.62 -12.79
N ASP A 225 6.44 10.71 -11.72
CA ASP A 225 5.01 11.03 -11.83
C ASP A 225 4.66 12.20 -10.91
N PRO A 226 3.44 12.73 -11.05
CA PRO A 226 2.97 13.91 -10.31
C PRO A 226 2.64 13.61 -8.85
N SER A 227 2.33 14.67 -8.11
CA SER A 227 1.80 14.54 -6.75
C SER A 227 0.91 15.72 -6.44
N LEU A 228 -0.39 15.54 -6.67
CA LEU A 228 -1.37 16.58 -6.41
C LEU A 228 -1.33 17.05 -4.98
N LEU A 229 -1.25 16.10 -4.06
CA LEU A 229 -1.37 16.42 -2.64
C LEU A 229 -0.26 17.35 -2.19
N GLU A 230 0.83 17.39 -2.94
CA GLU A 230 1.99 18.19 -2.56
CA GLU A 230 1.97 18.22 -2.55
C GLU A 230 2.14 19.43 -3.45
N ASP A 231 1.20 19.64 -4.37
CA ASP A 231 1.25 20.80 -5.24
C ASP A 231 1.07 22.08 -4.40
N PRO A 232 2.10 22.95 -4.34
CA PRO A 232 1.98 24.13 -3.48
C PRO A 232 0.91 25.12 -3.90
N ARG A 233 0.52 25.11 -5.19
CA ARG A 233 -0.51 26.03 -5.66
C ARG A 233 -1.84 25.60 -5.06
N ILE A 234 -2.02 24.29 -4.90
CA ILE A 234 -3.24 23.77 -4.32
C ILE A 234 -3.21 23.96 -2.79
N LYS A 235 -2.04 23.75 -2.18
CA LYS A 235 -1.89 24.04 -0.76
C LYS A 235 -2.16 25.51 -0.46
N ALA A 236 -1.80 26.40 -1.40
CA ALA A 236 -2.03 27.82 -1.19
C ALA A 236 -3.51 28.12 -1.11
N ILE A 237 -4.29 27.49 -1.99
CA ILE A 237 -5.74 27.64 -1.95
C ILE A 237 -6.28 27.06 -0.64
N ALA A 238 -5.78 25.89 -0.24
CA ALA A 238 -6.20 25.30 1.02
C ALA A 238 -5.90 26.23 2.21
N ALA A 239 -4.69 26.75 2.25
CA ALA A 239 -4.25 27.59 3.36
C ALA A 239 -5.15 28.82 3.49
N LYS A 240 -5.51 29.41 2.36
CA LYS A 240 -6.38 30.58 2.35
C LYS A 240 -7.68 30.26 3.09
N HIS A 241 -8.20 29.06 2.85
CA HIS A 241 -9.46 28.62 3.44
C HIS A 241 -9.30 27.93 4.80
N ASN A 242 -8.08 27.87 5.31
CA ASN A 242 -7.82 27.14 6.55
CA ASN A 242 -7.78 27.13 6.53
C ASN A 242 -8.27 25.68 6.46
N LYS A 243 -8.01 25.07 5.30
CA LYS A 243 -8.36 23.69 5.03
C LYS A 243 -7.10 22.96 4.56
N THR A 244 -7.18 21.65 4.40
CA THR A 244 -6.05 20.89 3.88
C THR A 244 -6.15 20.76 2.38
N THR A 245 -5.04 20.38 1.75
CA THR A 245 -5.00 20.17 0.32
CA THR A 245 -5.02 20.19 0.31
C THR A 245 -6.03 19.11 -0.10
N ALA A 246 -6.11 18.03 0.67
CA ALA A 246 -7.08 16.98 0.38
C ALA A 246 -8.50 17.54 0.39
N GLN A 247 -8.83 18.37 1.38
CA GLN A 247 -10.16 18.96 1.43
C GLN A 247 -10.47 19.82 0.20
N VAL A 248 -9.50 20.59 -0.27
CA VAL A 248 -9.67 21.34 -1.51
C VAL A 248 -9.91 20.40 -2.71
N LEU A 249 -9.13 19.33 -2.78
CA LEU A 249 -9.23 18.40 -3.90
C LEU A 249 -10.56 17.64 -3.92
N ILE A 250 -11.19 17.52 -2.76
CA ILE A 250 -12.50 16.88 -2.65
C ILE A 250 -13.61 17.88 -2.98
N ARG A 251 -13.49 19.10 -2.45
CA ARG A 251 -14.50 20.13 -2.68
C ARG A 251 -14.58 20.54 -4.16
N PHE A 252 -13.44 20.50 -4.85
CA PHE A 252 -13.34 20.91 -6.26
C PHE A 252 -14.37 20.20 -7.16
N PRO A 253 -14.35 18.86 -7.22
CA PRO A 253 -15.36 18.20 -8.07
C PRO A 253 -16.78 18.40 -7.55
N MET A 254 -16.97 18.52 -6.24
CA MET A 254 -18.31 18.76 -5.73
C MET A 254 -18.92 20.02 -6.36
N GLN A 255 -18.10 21.05 -6.57
CA GLN A 255 -18.61 22.30 -7.13
C GLN A 255 -18.72 22.30 -8.67
N ARG A 256 -18.43 21.14 -9.27
CA ARG A 256 -18.61 20.91 -10.70
C ARG A 256 -19.81 20.00 -10.96
N ASN A 257 -20.62 19.80 -9.93
CA ASN A 257 -21.79 18.93 -10.03
CA ASN A 257 -21.80 18.93 -10.01
C ASN A 257 -21.38 17.48 -10.26
N LEU A 258 -20.23 17.10 -9.72
CA LEU A 258 -19.74 15.73 -9.75
C LEU A 258 -19.92 15.06 -8.40
N VAL A 259 -19.95 13.73 -8.44
CA VAL A 259 -19.80 12.90 -7.25
C VAL A 259 -18.31 12.63 -7.11
N VAL A 260 -17.79 12.47 -5.88
CA VAL A 260 -16.36 12.25 -5.68
C VAL A 260 -16.18 11.21 -4.59
N ILE A 261 -15.14 10.36 -4.75
CA ILE A 261 -14.95 9.20 -3.89
C ILE A 261 -13.51 9.04 -3.39
N PRO A 262 -13.04 10.02 -2.59
CA PRO A 262 -11.69 9.88 -2.02
C PRO A 262 -11.55 8.63 -1.14
N LYS A 263 -10.40 7.96 -1.26
CA LYS A 263 -10.10 6.79 -0.45
C LYS A 263 -9.18 7.16 0.73
N SER A 264 -9.55 6.68 1.91
CA SER A 264 -8.63 6.57 3.02
C SER A 264 -9.03 5.37 3.87
N VAL A 265 -8.01 4.75 4.46
CA VAL A 265 -8.20 3.69 5.43
C VAL A 265 -7.91 4.22 6.85
N THR A 266 -7.52 5.49 6.97
CA THR A 266 -7.07 6.09 8.22
C THR A 266 -8.19 6.89 8.90
N PRO A 267 -8.60 6.51 10.12
CA PRO A 267 -9.75 7.18 10.71
C PRO A 267 -9.68 8.72 10.70
N GLU A 268 -8.52 9.27 11.04
CA GLU A 268 -8.34 10.70 11.10
C GLU A 268 -8.58 11.35 9.73
N ARG A 269 -8.07 10.72 8.68
CA ARG A 269 -8.25 11.26 7.33
C ARG A 269 -9.65 11.04 6.78
N ILE A 270 -10.27 9.91 7.10
CA ILE A 270 -11.65 9.67 6.71
C ILE A 270 -12.53 10.80 7.24
N ALA A 271 -12.32 11.15 8.51
CA ALA A 271 -13.08 12.23 9.12
C ALA A 271 -12.74 13.59 8.48
N GLU A 272 -11.45 13.87 8.29
CA GLU A 272 -11.00 15.11 7.63
C GLU A 272 -11.67 15.30 6.28
N ASN A 273 -11.68 14.22 5.51
CA ASN A 273 -12.12 14.28 4.14
C ASN A 273 -13.61 14.57 4.01
N PHE A 274 -14.38 14.29 5.07
CA PHE A 274 -15.81 14.58 5.02
C PHE A 274 -16.11 16.02 5.44
N LYS A 275 -15.14 16.72 6.02
CA LYS A 275 -15.35 18.08 6.51
C LYS A 275 -15.13 19.08 5.38
N VAL A 276 -16.02 18.99 4.40
CA VAL A 276 -15.91 19.83 3.24
C VAL A 276 -17.23 20.50 2.90
N PHE A 277 -18.18 20.47 3.83
CA PHE A 277 -19.48 21.09 3.61
C PHE A 277 -19.61 22.45 4.30
N ASP A 278 -18.53 22.89 4.95
CA ASP A 278 -18.53 24.11 5.75
C ASP A 278 -17.71 25.24 5.12
N PHE A 279 -17.28 25.05 3.88
CA PHE A 279 -16.56 26.09 3.15
C PHE A 279 -16.87 25.95 1.68
N GLU A 280 -16.52 26.98 0.92
CA GLU A 280 -16.71 26.97 -0.52
C GLU A 280 -15.43 27.48 -1.17
N LEU A 281 -15.02 26.82 -2.25
CA LEU A 281 -14.00 27.36 -3.13
C LEU A 281 -14.60 28.52 -3.89
N SER A 282 -13.82 29.60 -4.06
CA SER A 282 -14.35 30.72 -4.82
C SER A 282 -14.42 30.40 -6.29
N SER A 283 -15.16 31.20 -7.03
CA SER A 283 -15.21 30.99 -8.47
C SER A 283 -13.81 31.15 -9.10
N GLN A 284 -12.95 31.99 -8.50
CA GLN A 284 -11.57 32.10 -8.96
C GLN A 284 -10.75 30.85 -8.64
N ASP A 285 -10.94 30.28 -7.45
CA ASP A 285 -10.29 29.02 -7.09
C ASP A 285 -10.63 27.97 -8.12
N MET A 286 -11.91 27.92 -8.49
CA MET A 286 -12.39 26.89 -9.41
C MET A 286 -11.73 27.03 -10.78
N THR A 287 -11.74 28.24 -11.30
CA THR A 287 -11.09 28.52 -12.57
C THR A 287 -9.59 28.21 -12.52
N THR A 288 -8.95 28.57 -11.42
CA THR A 288 -7.53 28.33 -11.23
C THR A 288 -7.21 26.83 -11.19
N LEU A 289 -7.98 26.06 -10.44
CA LEU A 289 -7.77 24.61 -10.39
C LEU A 289 -7.95 23.98 -11.78
N LEU A 290 -8.94 24.45 -12.54
CA LEU A 290 -9.12 23.94 -13.89
C LEU A 290 -7.90 24.24 -14.77
N SER A 291 -7.25 25.36 -14.53
CA SER A 291 -6.09 25.75 -15.33
C SER A 291 -4.88 24.86 -15.09
N TYR A 292 -4.96 23.97 -14.09
CA TYR A 292 -3.83 23.11 -13.78
C TYR A 292 -3.85 21.83 -14.61
N ASN A 293 -4.87 21.67 -15.44
CA ASN A 293 -4.98 20.46 -16.27
C ASN A 293 -3.73 20.24 -17.10
N ARG A 294 -3.25 19.00 -17.11
CA ARG A 294 -2.15 18.65 -18.00
CA ARG A 294 -2.16 18.65 -18.01
C ARG A 294 -2.45 17.35 -18.76
N ASN A 295 -3.70 16.90 -18.71
CA ASN A 295 -4.12 15.71 -19.41
C ASN A 295 -3.28 14.52 -18.97
N TRP A 296 -3.00 14.45 -17.67
CA TRP A 296 -2.19 13.37 -17.12
C TRP A 296 -3.03 12.39 -16.36
N ARG A 297 -3.15 11.18 -16.89
CA ARG A 297 -3.93 10.16 -16.21
C ARG A 297 -3.02 9.14 -15.56
N VAL A 298 -3.38 8.74 -14.35
CA VAL A 298 -2.58 7.76 -13.65
C VAL A 298 -3.15 6.34 -13.74
N CYS A 299 -4.44 6.19 -13.98
CA CYS A 299 -5.07 4.86 -14.02
C CYS A 299 -5.26 4.38 -15.47
N ALA A 300 -4.22 3.67 -15.93
CA ALA A 300 -4.19 3.13 -17.27
C ALA A 300 -3.00 2.17 -17.30
N LEU A 301 -3.16 1.04 -17.99
CA LEU A 301 -2.13 -0.02 -18.04
C LEU A 301 -1.66 -0.28 -19.45
N LEU A 302 -0.35 -0.32 -19.61
CA LEU A 302 0.22 -0.70 -20.89
C LEU A 302 -0.30 -2.05 -21.36
N SER A 303 -0.49 -2.99 -20.44
CA SER A 303 -0.93 -4.33 -20.78
C SER A 303 -2.35 -4.40 -21.35
N CYS A 304 -3.10 -3.30 -21.31
CA CYS A 304 -4.47 -3.26 -21.82
C CYS A 304 -4.61 -2.46 -23.11
N THR A 305 -3.53 -1.86 -23.58
CA THR A 305 -3.61 -0.92 -24.71
C THR A 305 -3.90 -1.56 -26.06
N SER A 306 -3.76 -2.89 -26.17
CA SER A 306 -4.13 -3.55 -27.42
C SER A 306 -5.54 -4.10 -27.40
N HIS A 307 -6.26 -3.94 -26.30
CA HIS A 307 -7.62 -4.45 -26.25
C HIS A 307 -8.49 -3.63 -27.21
N LYS A 308 -9.37 -4.31 -27.94
CA LYS A 308 -10.24 -3.63 -28.92
C LYS A 308 -11.04 -2.49 -28.28
N ASP A 309 -11.38 -2.66 -27.01
CA ASP A 309 -12.20 -1.70 -26.30
C ASP A 309 -11.41 -0.85 -25.31
N TYR A 310 -10.08 -0.80 -25.43
CA TYR A 310 -9.28 0.08 -24.57
C TYR A 310 -9.82 1.51 -24.73
N PRO A 311 -10.10 2.20 -23.62
CA PRO A 311 -10.87 3.45 -23.75
C PRO A 311 -10.06 4.72 -24.03
N PHE A 312 -8.74 4.69 -23.90
CA PHE A 312 -7.98 5.93 -23.82
C PHE A 312 -7.17 6.25 -25.08
N HIS A 313 -7.44 5.57 -26.19
CA HIS A 313 -6.91 6.02 -27.47
C HIS A 313 -7.62 7.32 -27.92
N GLU A 314 -8.92 7.39 -27.67
CA GLU A 314 -9.73 8.55 -28.05
C GLU A 314 -9.37 9.76 -27.19
N GLU A 315 -9.53 10.96 -27.74
CA GLU A 315 -9.30 12.19 -26.99
C GLU A 315 -10.14 12.21 -25.73
N PHE A 316 -11.41 11.84 -25.86
CA PHE A 316 -12.32 11.80 -24.71
C PHE A 316 -13.45 10.84 -24.97
N MET B 1 9.12 14.93 15.71
CA MET B 1 9.51 13.49 15.64
C MET B 1 8.51 12.62 16.41
N ALA B 2 7.42 12.28 15.75
CA ALA B 2 6.47 11.32 16.31
C ALA B 2 7.10 9.94 16.40
N SER B 3 6.54 9.07 17.22
CA SER B 3 7.14 7.79 17.47
C SER B 3 6.81 6.75 16.41
N ARG B 4 5.75 6.93 15.62
CA ARG B 4 5.36 5.94 14.61
C ARG B 4 5.15 6.57 13.23
N ILE B 5 5.30 5.76 12.20
CA ILE B 5 5.12 6.17 10.80
C ILE B 5 3.96 5.35 10.21
N LEU B 6 3.09 6.01 9.44
CA LEU B 6 1.94 5.35 8.81
C LEU B 6 2.37 4.53 7.61
N LEU B 7 1.99 3.26 7.59
CA LEU B 7 2.22 2.39 6.45
C LEU B 7 1.03 2.41 5.49
N ASN B 8 1.28 1.92 4.29
CA ASN B 8 0.26 1.92 3.23
C ASN B 8 -0.82 0.84 3.39
N ASN B 9 -0.72 0.01 4.44
CA ASN B 9 -1.79 -0.92 4.80
C ASN B 9 -2.75 -0.32 5.83
N GLY B 10 -2.43 0.90 6.28
CA GLY B 10 -3.20 1.58 7.30
C GLY B 10 -2.73 1.43 8.74
N ALA B 11 -1.71 0.62 8.98
CA ALA B 11 -1.16 0.45 10.32
C ALA B 11 -0.01 1.45 10.56
N LYS B 12 0.28 1.72 11.84
CA LYS B 12 1.40 2.57 12.22
C LYS B 12 2.54 1.72 12.77
N MET B 13 3.76 2.08 12.38
CA MET B 13 4.96 1.30 12.70
C MET B 13 5.92 2.14 13.56
N PRO B 14 6.33 1.65 14.73
CA PRO B 14 7.31 2.42 15.53
C PRO B 14 8.62 2.64 14.80
N ILE B 15 9.10 3.88 14.82
CA ILE B 15 10.31 4.22 14.08
C ILE B 15 11.59 3.67 14.69
N LEU B 16 11.56 3.26 15.95
CA LEU B 16 12.71 2.62 16.59
C LEU B 16 12.31 1.20 16.98
N GLY B 17 13.11 0.23 16.56
CA GLY B 17 12.92 -1.15 16.96
C GLY B 17 14.23 -1.77 17.42
N LEU B 18 14.11 -2.95 18.02
CA LEU B 18 15.24 -3.73 18.48
C LEU B 18 15.60 -4.81 17.47
N GLY B 19 16.84 -4.78 17.00
CA GLY B 19 17.36 -5.84 16.16
C GLY B 19 17.77 -7.06 16.96
N THR B 20 17.69 -8.24 16.31
CA THR B 20 17.96 -9.49 17.01
C THR B 20 18.92 -10.44 16.24
N TRP B 21 19.48 -10.00 15.12
CA TRP B 21 20.49 -10.83 14.46
C TRP B 21 21.75 -10.87 15.31
N LYS B 22 22.22 -12.09 15.59
CA LYS B 22 23.42 -12.39 16.40
CA LYS B 22 23.41 -12.33 16.40
C LYS B 22 23.12 -12.34 17.89
N SER B 23 21.87 -12.10 18.29
CA SER B 23 21.52 -12.16 19.71
C SER B 23 21.35 -13.62 20.09
N PRO B 24 22.23 -14.15 20.95
CA PRO B 24 22.16 -15.60 21.23
C PRO B 24 20.87 -16.02 21.93
N PRO B 25 20.41 -17.27 21.69
CA PRO B 25 19.27 -17.77 22.46
C PRO B 25 19.42 -17.52 23.97
N GLY B 26 20.64 -17.63 24.51
CA GLY B 26 20.88 -17.43 25.94
C GLY B 26 20.86 -15.99 26.49
N GLN B 27 20.79 -15.00 25.60
CA GLN B 27 20.70 -13.58 26.00
C GLN B 27 19.45 -12.89 25.44
N VAL B 28 18.90 -13.40 24.33
CA VAL B 28 17.91 -12.60 23.61
C VAL B 28 16.57 -12.51 24.38
N THR B 29 16.22 -13.53 25.16
CA THR B 29 15.00 -13.45 25.96
C THR B 29 15.07 -12.25 26.92
N GLU B 30 16.17 -12.14 27.66
CA GLU B 30 16.34 -10.99 28.56
C GLU B 30 16.39 -9.68 27.78
N ALA B 31 17.06 -9.67 26.63
CA ALA B 31 17.20 -8.45 25.83
C ALA B 31 15.84 -7.93 25.44
N VAL B 32 14.97 -8.82 24.96
CA VAL B 32 13.65 -8.40 24.52
C VAL B 32 12.76 -8.01 25.69
N LYS B 33 12.85 -8.73 26.80
CA LYS B 33 12.09 -8.35 28.00
C LYS B 33 12.47 -6.93 28.47
N VAL B 34 13.77 -6.68 28.57
CA VAL B 34 14.25 -5.37 28.97
C VAL B 34 13.80 -4.32 27.96
N ALA B 35 13.97 -4.60 26.67
CA ALA B 35 13.60 -3.65 25.64
C ALA B 35 12.14 -3.25 25.79
N ILE B 36 11.24 -4.22 25.95
CA ILE B 36 9.82 -3.89 26.09
C ILE B 36 9.62 -3.06 27.38
N ASP B 37 10.26 -3.45 28.47
CA ASP B 37 10.11 -2.69 29.71
C ASP B 37 10.52 -1.22 29.54
N VAL B 38 11.57 -0.96 28.76
CA VAL B 38 12.09 0.40 28.62
C VAL B 38 11.59 1.12 27.39
N GLY B 39 10.54 0.60 26.76
CA GLY B 39 9.78 1.37 25.79
C GLY B 39 9.77 0.88 24.36
N TYR B 40 10.62 -0.09 24.01
CA TYR B 40 10.60 -0.58 22.64
C TYR B 40 9.25 -1.26 22.37
N ARG B 41 8.71 -0.96 21.20
CA ARG B 41 7.43 -1.52 20.79
C ARG B 41 7.51 -2.18 19.43
N HIS B 42 8.73 -2.39 18.94
CA HIS B 42 8.99 -2.94 17.62
C HIS B 42 10.20 -3.84 17.80
N ILE B 43 10.07 -5.11 17.41
CA ILE B 43 11.16 -6.07 17.44
C ILE B 43 11.34 -6.61 16.03
N ASP B 44 12.58 -6.57 15.53
CA ASP B 44 12.91 -7.10 14.22
C ASP B 44 13.51 -8.50 14.38
N CYS B 45 12.84 -9.48 13.79
CA CYS B 45 13.16 -10.89 13.94
C CYS B 45 13.41 -11.53 12.58
N ALA B 46 13.90 -12.76 12.60
CA ALA B 46 13.94 -13.57 11.38
C ALA B 46 14.17 -15.01 11.74
N HIS B 47 13.60 -15.91 10.94
CA HIS B 47 13.84 -17.35 11.11
C HIS B 47 15.35 -17.65 11.08
N VAL B 48 16.06 -17.02 10.14
CA VAL B 48 17.48 -17.34 9.96
C VAL B 48 18.33 -16.90 11.17
N TYR B 49 17.78 -16.05 12.03
CA TYR B 49 18.53 -15.64 13.24
C TYR B 49 18.59 -16.74 14.29
N GLN B 50 17.78 -17.78 14.14
CA GLN B 50 17.90 -19.02 14.92
C GLN B 50 17.68 -18.77 16.42
N ASN B 51 16.81 -17.81 16.71
CA ASN B 51 16.51 -17.42 18.07
C ASN B 51 15.06 -17.00 18.24
N GLU B 52 14.18 -17.33 17.27
CA GLU B 52 12.81 -16.87 17.39
C GLU B 52 12.08 -17.53 18.55
N ASN B 53 12.40 -18.76 18.91
CA ASN B 53 11.76 -19.35 20.08
C ASN B 53 12.03 -18.53 21.33
N GLU B 54 13.28 -18.08 21.47
CA GLU B 54 13.70 -17.36 22.67
C GLU B 54 13.19 -15.92 22.66
N VAL B 55 13.11 -15.29 21.49
CA VAL B 55 12.40 -14.03 21.38
C VAL B 55 10.93 -14.24 21.79
N GLY B 56 10.34 -15.33 21.32
CA GLY B 56 8.96 -15.66 21.62
C GLY B 56 8.70 -15.81 23.12
N VAL B 57 9.62 -16.41 23.86
CA VAL B 57 9.43 -16.55 25.30
C VAL B 57 9.24 -15.16 25.92
N ALA B 58 10.06 -14.20 25.50
CA ALA B 58 9.98 -12.84 26.03
C ALA B 58 8.66 -12.15 25.65
N ILE B 59 8.32 -12.20 24.36
CA ILE B 59 7.12 -11.55 23.88
C ILE B 59 5.88 -12.17 24.56
N GLN B 60 5.85 -13.49 24.64
CA GLN B 60 4.71 -14.16 25.27
CA GLN B 60 4.73 -14.17 25.28
C GLN B 60 4.55 -13.74 26.73
N GLU B 61 5.64 -13.63 27.46
CA GLU B 61 5.56 -13.22 28.85
C GLU B 61 4.97 -11.81 28.95
N LYS B 62 5.53 -10.88 28.17
CA LYS B 62 5.10 -9.50 28.28
C LYS B 62 3.65 -9.31 27.83
N LEU B 63 3.21 -10.09 26.84
CA LEU B 63 1.81 -10.05 26.43
C LEU B 63 0.90 -10.71 27.46
N ARG B 64 1.26 -11.89 27.93
CA ARG B 64 0.38 -12.60 28.84
C ARG B 64 0.23 -11.85 30.18
N GLU B 65 1.30 -11.18 30.60
CA GLU B 65 1.29 -10.41 31.84
C GLU B 65 0.74 -9.00 31.65
N GLN B 66 0.31 -8.69 30.43
CA GLN B 66 -0.34 -7.41 30.12
C GLN B 66 0.58 -6.23 30.43
N VAL B 67 1.86 -6.40 30.13
CA VAL B 67 2.84 -5.33 30.19
C VAL B 67 2.66 -4.38 29.01
N VAL B 68 2.29 -4.95 27.86
CA VAL B 68 2.02 -4.22 26.65
C VAL B 68 0.82 -4.87 25.97
N LYS B 69 0.00 -4.05 25.31
CA LYS B 69 -1.10 -4.58 24.51
C LYS B 69 -0.57 -5.13 23.19
N ARG B 70 -1.21 -6.18 22.68
CA ARG B 70 -0.76 -6.72 21.41
C ARG B 70 -0.82 -5.67 20.31
N GLU B 71 -1.83 -4.81 20.35
CA GLU B 71 -2.01 -3.77 19.35
C GLU B 71 -0.90 -2.73 19.40
N GLU B 72 -0.21 -2.63 20.54
CA GLU B 72 0.87 -1.66 20.69
C GLU B 72 2.24 -2.25 20.37
N LEU B 73 2.33 -3.55 20.12
CA LEU B 73 3.58 -4.21 19.71
CA LEU B 73 3.56 -4.17 19.73
C LEU B 73 3.57 -4.38 18.21
N PHE B 74 4.75 -4.24 17.63
CA PHE B 74 4.92 -4.35 16.20
C PHE B 74 6.04 -5.37 15.95
N ILE B 75 5.65 -6.59 15.61
CA ILE B 75 6.61 -7.67 15.44
C ILE B 75 6.80 -7.98 13.96
N VAL B 76 8.08 -7.94 13.54
CA VAL B 76 8.48 -8.16 12.18
C VAL B 76 9.25 -9.46 12.09
N SER B 77 8.96 -10.28 11.10
CA SER B 77 9.88 -11.38 10.75
C SER B 77 10.01 -11.47 9.25
N LYS B 78 10.73 -12.47 8.80
CA LYS B 78 11.19 -12.53 7.41
C LYS B 78 11.25 -13.98 6.94
N LEU B 79 10.87 -14.16 5.68
CA LEU B 79 10.90 -15.42 4.95
C LEU B 79 12.32 -15.69 4.47
N TRP B 80 12.93 -16.76 4.94
CA TRP B 80 14.31 -17.04 4.56
C TRP B 80 14.41 -17.54 3.09
N CYS B 81 15.60 -17.39 2.53
CA CYS B 81 15.87 -17.61 1.11
C CYS B 81 15.54 -19.02 0.64
N THR B 82 15.65 -20.01 1.53
CA THR B 82 15.38 -21.41 1.15
C THR B 82 13.88 -21.72 1.07
N TYR B 83 13.02 -20.74 1.38
CA TYR B 83 11.57 -20.92 1.40
C TYR B 83 10.83 -20.05 0.38
N HIS B 84 11.50 -19.66 -0.70
CA HIS B 84 10.86 -18.83 -1.70
C HIS B 84 9.78 -19.53 -2.52
N GLU B 85 9.85 -20.85 -2.67
CA GLU B 85 8.87 -21.52 -3.50
C GLU B 85 7.47 -21.37 -2.87
N LYS B 86 6.48 -21.17 -3.72
CA LYS B 86 5.16 -20.82 -3.23
CA LYS B 86 5.14 -20.84 -3.26
C LYS B 86 4.65 -21.81 -2.18
N GLY B 87 4.86 -23.10 -2.41
CA GLY B 87 4.38 -24.13 -1.51
C GLY B 87 5.03 -24.23 -0.14
N LEU B 88 6.11 -23.49 0.06
CA LEU B 88 6.79 -23.51 1.36
C LEU B 88 6.55 -22.23 2.18
N VAL B 89 5.98 -21.19 1.56
CA VAL B 89 5.88 -19.89 2.21
C VAL B 89 4.97 -19.92 3.44
N LYS B 90 3.78 -20.53 3.33
CA LYS B 90 2.86 -20.54 4.45
C LYS B 90 3.45 -21.29 5.65
N GLY B 91 4.06 -22.44 5.40
CA GLY B 91 4.69 -23.20 6.46
C GLY B 91 5.82 -22.45 7.13
N ALA B 92 6.60 -21.72 6.35
CA ALA B 92 7.68 -20.92 6.93
C ALA B 92 7.10 -19.85 7.86
N CYS B 93 6.06 -19.18 7.41
CA CYS B 93 5.42 -18.15 8.23
C CYS B 93 4.84 -18.77 9.50
N GLN B 94 4.16 -19.90 9.36
CA GLN B 94 3.57 -20.59 10.49
C GLN B 94 4.63 -21.04 11.50
N LYS B 95 5.78 -21.49 11.03
CA LYS B 95 6.85 -21.89 11.93
C LYS B 95 7.34 -20.68 12.73
N THR B 96 7.52 -19.55 12.06
CA THR B 96 7.90 -18.33 12.74
C THR B 96 6.82 -17.92 13.77
N LEU B 97 5.55 -17.99 13.41
CA LEU B 97 4.48 -17.66 14.35
C LEU B 97 4.48 -18.59 15.57
N SER B 98 4.71 -19.88 15.34
CA SER B 98 4.77 -20.84 16.43
C SER B 98 5.95 -20.55 17.35
N ASP B 99 7.11 -20.29 16.77
CA ASP B 99 8.31 -19.98 17.56
C ASP B 99 8.13 -18.69 18.36
N LEU B 100 7.64 -17.63 17.70
CA LEU B 100 7.43 -16.36 18.35
C LEU B 100 6.23 -16.32 19.31
N LYS B 101 5.44 -17.39 19.29
CA LYS B 101 4.29 -17.55 20.19
C LYS B 101 3.24 -16.46 19.95
N LEU B 102 3.02 -16.17 18.68
CA LEU B 102 2.09 -15.16 18.24
C LEU B 102 1.01 -15.73 17.35
N ASP B 103 -0.10 -15.00 17.26
CA ASP B 103 -1.23 -15.33 16.38
C ASP B 103 -1.13 -14.65 15.01
N TYR B 104 -0.40 -13.56 14.93
CA TYR B 104 -0.18 -12.86 13.67
C TYR B 104 1.13 -12.09 13.79
N LEU B 105 1.72 -11.77 12.64
CA LEU B 105 2.84 -10.85 12.56
C LEU B 105 2.35 -9.49 12.10
N ASP B 106 2.96 -8.42 12.58
CA ASP B 106 2.64 -7.10 12.06
C ASP B 106 3.18 -6.87 10.66
N LEU B 107 4.33 -7.48 10.37
CA LEU B 107 4.99 -7.28 9.08
C LEU B 107 5.82 -8.52 8.79
N TYR B 108 5.71 -9.03 7.57
CA TYR B 108 6.50 -10.19 7.13
C TYR B 108 7.18 -9.82 5.83
N LEU B 109 8.50 -9.96 5.82
CA LEU B 109 9.31 -9.52 4.68
C LEU B 109 9.88 -10.70 3.89
N ILE B 110 10.00 -10.55 2.57
CA ILE B 110 10.91 -11.41 1.83
C ILE B 110 12.33 -10.98 2.21
N HIS B 111 13.07 -11.86 2.87
CA HIS B 111 14.32 -11.45 3.54
C HIS B 111 15.38 -10.94 2.55
N TRP B 112 15.53 -11.67 1.44
CA TRP B 112 16.42 -11.32 0.34
C TRP B 112 15.71 -11.68 -0.96
N PRO B 113 16.03 -10.99 -2.06
CA PRO B 113 15.37 -11.32 -3.34
C PRO B 113 15.82 -12.67 -3.90
N THR B 114 16.94 -13.19 -3.44
CA THR B 114 17.54 -14.43 -3.92
C THR B 114 16.91 -15.66 -3.27
N GLY B 115 16.30 -16.53 -4.07
CA GLY B 115 15.87 -17.83 -3.59
C GLY B 115 17.05 -18.80 -3.60
N PHE B 116 17.16 -19.62 -2.55
CA PHE B 116 18.18 -20.66 -2.45
C PHE B 116 17.48 -22.03 -2.48
N LYS B 117 18.25 -23.05 -2.87
CA LYS B 117 17.77 -24.43 -2.86
C LYS B 117 17.10 -24.73 -1.51
N PRO B 118 15.90 -25.33 -1.54
CA PRO B 118 15.22 -25.59 -0.27
C PRO B 118 15.88 -26.68 0.55
N GLY B 119 15.72 -26.58 1.86
CA GLY B 119 16.23 -27.55 2.80
C GLY B 119 16.63 -26.90 4.11
N LYS B 120 17.17 -27.72 4.99
CA LYS B 120 17.50 -27.31 6.34
C LYS B 120 18.76 -26.44 6.42
N GLU B 121 19.63 -26.50 5.42
CA GLU B 121 20.81 -25.64 5.44
C GLU B 121 20.45 -24.24 5.02
N PHE B 122 20.79 -23.25 5.83
CA PHE B 122 20.45 -21.88 5.51
C PHE B 122 21.15 -21.36 4.28
N PHE B 123 22.40 -21.77 4.10
CA PHE B 123 23.22 -21.35 2.95
C PHE B 123 23.73 -22.61 2.24
N PRO B 124 22.93 -23.18 1.35
CA PRO B 124 23.39 -24.37 0.64
C PRO B 124 24.50 -23.97 -0.34
N LEU B 125 25.68 -24.55 -0.19
CA LEU B 125 26.83 -24.18 -1.02
C LEU B 125 27.28 -25.36 -1.88
N ASP B 126 27.69 -25.07 -3.11
CA ASP B 126 28.30 -26.08 -3.95
C ASP B 126 29.75 -26.33 -3.49
N GLU B 127 30.44 -27.26 -4.13
CA GLU B 127 31.76 -27.65 -3.64
C GLU B 127 32.81 -26.56 -3.80
N SER B 128 32.50 -25.52 -4.56
CA SER B 128 33.39 -24.38 -4.73
C SER B 128 32.95 -23.15 -3.92
N GLY B 129 31.94 -23.33 -3.07
CA GLY B 129 31.55 -22.28 -2.15
C GLY B 129 30.52 -21.28 -2.66
N ASN B 130 29.96 -21.55 -3.84
CA ASN B 130 28.89 -20.70 -4.37
C ASN B 130 27.55 -21.14 -3.84
N VAL B 131 26.66 -20.20 -3.52
CA VAL B 131 25.32 -20.58 -3.08
C VAL B 131 24.61 -21.29 -4.24
N VAL B 132 23.81 -22.29 -3.87
CA VAL B 132 23.00 -23.01 -4.85
C VAL B 132 21.62 -22.33 -4.94
N PRO B 133 21.32 -21.74 -6.09
CA PRO B 133 20.04 -21.05 -6.21
C PRO B 133 18.83 -21.97 -6.25
N SER B 134 17.68 -21.35 -6.00
CA SER B 134 16.45 -21.91 -6.54
CA SER B 134 16.37 -21.81 -6.45
C SER B 134 16.02 -21.07 -7.73
N ASP B 135 15.24 -21.71 -8.60
CA ASP B 135 14.78 -21.06 -9.81
C ASP B 135 13.55 -20.18 -9.60
N THR B 136 13.07 -20.09 -8.37
CA THR B 136 11.91 -19.30 -8.10
C THR B 136 12.16 -17.81 -8.46
N ASN B 137 11.16 -17.19 -9.05
CA ASN B 137 11.25 -15.77 -9.31
C ASN B 137 10.53 -14.91 -8.25
N ILE B 138 10.89 -13.65 -8.26
CA ILE B 138 10.45 -12.72 -7.24
C ILE B 138 8.91 -12.64 -7.25
N LEU B 139 8.29 -12.56 -8.43
CA LEU B 139 6.85 -12.34 -8.49
C LEU B 139 6.06 -13.51 -7.94
N ASP B 140 6.55 -14.73 -8.14
CA ASP B 140 5.87 -15.87 -7.58
C ASP B 140 5.97 -15.88 -6.05
N THR B 141 7.13 -15.57 -5.48
CA THR B 141 7.22 -15.49 -4.04
C THR B 141 6.30 -14.38 -3.51
N TRP B 142 6.24 -13.24 -4.21
CA TRP B 142 5.36 -12.16 -3.77
C TRP B 142 3.90 -12.60 -3.75
N ALA B 143 3.48 -13.34 -4.78
CA ALA B 143 2.11 -13.81 -4.82
C ALA B 143 1.81 -14.68 -3.59
N ALA B 144 2.77 -15.51 -3.18
CA ALA B 144 2.59 -16.35 -2.01
C ALA B 144 2.52 -15.48 -0.72
N MET B 145 3.32 -14.42 -0.66
CA MET B 145 3.25 -13.51 0.48
C MET B 145 1.89 -12.83 0.56
N GLU B 146 1.32 -12.46 -0.58
CA GLU B 146 0.02 -11.84 -0.59
C GLU B 146 -1.04 -12.77 -0.01
N GLU B 147 -0.92 -14.08 -0.25
CA GLU B 147 -1.86 -15.03 0.33
C GLU B 147 -1.81 -15.00 1.86
N LEU B 148 -0.66 -14.70 2.45
CA LEU B 148 -0.56 -14.62 3.90
C LEU B 148 -1.37 -13.46 4.47
N VAL B 149 -1.45 -12.36 3.73
CA VAL B 149 -2.30 -11.24 4.10
C VAL B 149 -3.76 -11.66 3.95
N ASP B 150 -4.10 -12.28 2.83
CA ASP B 150 -5.47 -12.75 2.61
C ASP B 150 -5.94 -13.69 3.73
N GLU B 151 -5.04 -14.57 4.19
CA GLU B 151 -5.34 -15.56 5.22
C GLU B 151 -5.23 -15.00 6.64
N GLY B 152 -4.74 -13.77 6.77
CA GLY B 152 -4.72 -13.12 8.08
C GLY B 152 -3.58 -13.52 8.99
N LEU B 153 -2.56 -14.20 8.46
CA LEU B 153 -1.38 -14.57 9.26
CA LEU B 153 -1.40 -14.56 9.27
C LEU B 153 -0.49 -13.36 9.54
N VAL B 154 -0.54 -12.38 8.64
CA VAL B 154 0.27 -11.19 8.76
C VAL B 154 -0.58 -9.98 8.39
N LYS B 155 -0.30 -8.85 9.03
CA LYS B 155 -1.02 -7.62 8.78
C LYS B 155 -0.47 -6.83 7.60
N ALA B 156 0.80 -7.05 7.28
CA ALA B 156 1.48 -6.32 6.22
C ALA B 156 2.58 -7.22 5.68
N ILE B 157 2.90 -7.01 4.41
CA ILE B 157 4.05 -7.67 3.80
C ILE B 157 4.98 -6.63 3.19
N GLY B 158 6.24 -7.00 3.06
CA GLY B 158 7.22 -6.14 2.46
C GLY B 158 8.42 -6.95 2.00
N ILE B 159 9.48 -6.22 1.71
CA ILE B 159 10.67 -6.78 1.09
C ILE B 159 11.90 -6.26 1.82
N SER B 160 13.03 -6.90 1.56
CA SER B 160 14.27 -6.50 2.19
C SER B 160 15.41 -6.80 1.22
N ASN B 161 16.35 -5.86 1.11
CA ASN B 161 17.51 -6.00 0.21
C ASN B 161 17.10 -6.07 -1.25
N PHE B 162 15.96 -5.45 -1.59
CA PHE B 162 15.54 -5.36 -3.00
C PHE B 162 16.08 -4.06 -3.59
N ASN B 163 16.66 -4.16 -4.78
CA ASN B 163 17.04 -2.98 -5.52
C ASN B 163 15.83 -2.39 -6.24
N HIS B 164 15.99 -1.21 -6.82
CA HIS B 164 14.80 -0.53 -7.33
C HIS B 164 14.14 -1.27 -8.49
N LEU B 165 14.92 -1.98 -9.29
CA LEU B 165 14.34 -2.75 -10.40
C LEU B 165 13.53 -3.93 -9.88
N GLN B 166 13.98 -4.51 -8.77
CA GLN B 166 13.26 -5.61 -8.14
C GLN B 166 11.96 -5.11 -7.49
N VAL B 167 12.02 -3.94 -6.85
CA VAL B 167 10.80 -3.32 -6.36
C VAL B 167 9.84 -3.05 -7.52
N GLU B 168 10.37 -2.46 -8.60
CA GLU B 168 9.58 -2.10 -9.78
C GLU B 168 8.85 -3.31 -10.37
N MET B 169 9.51 -4.46 -10.38
CA MET B 169 8.92 -5.68 -10.92
CA MET B 169 8.92 -5.69 -10.90
C MET B 169 7.62 -6.01 -10.18
N ILE B 170 7.65 -5.89 -8.86
CA ILE B 170 6.46 -6.10 -8.05
C ILE B 170 5.42 -5.00 -8.32
N LEU B 171 5.85 -3.75 -8.26
CA LEU B 171 4.91 -2.64 -8.42
C LEU B 171 4.15 -2.67 -9.73
N ASN B 172 4.81 -3.13 -10.78
CA ASN B 172 4.23 -3.08 -12.12
C ASN B 172 3.56 -4.37 -12.57
N LYS B 173 3.47 -5.35 -11.68
CA LYS B 173 2.79 -6.60 -12.01
C LYS B 173 1.28 -6.36 -12.16
N PRO B 174 0.72 -6.59 -13.36
CA PRO B 174 -0.74 -6.44 -13.45
C PRO B 174 -1.44 -7.40 -12.49
N GLY B 175 -2.47 -6.96 -11.80
CA GLY B 175 -3.10 -7.83 -10.82
C GLY B 175 -2.38 -8.00 -9.48
N LEU B 176 -1.35 -7.19 -9.24
CA LEU B 176 -0.81 -7.08 -7.91
C LEU B 176 -1.94 -6.86 -6.92
N LYS B 177 -1.90 -7.53 -5.77
CA LYS B 177 -2.93 -7.32 -4.75
CA LYS B 177 -2.92 -7.33 -4.74
C LYS B 177 -2.50 -6.30 -3.69
N TYR B 178 -1.28 -6.45 -3.17
CA TYR B 178 -0.76 -5.56 -2.13
C TYR B 178 0.61 -5.03 -2.51
N LYS B 179 0.78 -3.73 -2.48
CA LYS B 179 2.08 -3.11 -2.63
C LYS B 179 2.94 -3.45 -1.42
N PRO B 180 4.25 -3.59 -1.58
CA PRO B 180 5.09 -3.72 -0.39
C PRO B 180 4.88 -2.54 0.56
N ALA B 181 4.80 -2.81 1.86
CA ALA B 181 4.65 -1.75 2.85
C ALA B 181 5.99 -1.12 3.23
N VAL B 182 7.04 -1.93 3.18
CA VAL B 182 8.37 -1.58 3.69
C VAL B 182 9.41 -2.25 2.79
N ASN B 183 10.53 -1.55 2.59
CA ASN B 183 11.78 -2.15 2.10
C ASN B 183 12.82 -1.92 3.19
N GLN B 184 13.32 -3.01 3.78
CA GLN B 184 14.33 -2.95 4.83
C GLN B 184 15.71 -3.17 4.18
N ILE B 185 16.59 -2.18 4.33
CA ILE B 185 17.87 -2.15 3.64
C ILE B 185 18.96 -1.68 4.59
N GLU B 186 20.20 -2.05 4.27
CA GLU B 186 21.33 -1.60 5.05
C GLU B 186 21.49 -0.08 4.90
N CYS B 187 21.73 0.64 5.98
CA CYS B 187 21.83 2.09 5.84
C CYS B 187 22.59 2.70 7.02
N HIS B 188 23.63 3.46 6.70
CA HIS B 188 24.52 4.08 7.69
C HIS B 188 25.41 5.05 6.87
N PRO B 189 26.32 5.79 7.53
CA PRO B 189 27.10 6.77 6.75
C PRO B 189 27.95 6.19 5.60
N TYR B 190 28.31 4.93 5.63
CA TYR B 190 29.07 4.34 4.51
C TYR B 190 28.17 3.80 3.39
N LEU B 191 26.86 3.92 3.56
CA LEU B 191 25.88 3.37 2.61
C LEU B 191 24.58 4.10 2.89
N THR B 192 24.50 5.32 2.37
CA THR B 192 23.44 6.21 2.79
C THR B 192 22.11 6.01 2.05
N GLN B 193 22.13 5.28 0.93
CA GLN B 193 20.91 4.77 0.27
C GLN B 193 19.96 5.85 -0.25
N GLU B 194 20.46 7.04 -0.50
CA GLU B 194 19.58 8.13 -0.90
C GLU B 194 18.72 7.78 -2.13
N LYS B 195 19.30 7.11 -3.11
CA LYS B 195 18.57 6.80 -4.33
CA LYS B 195 18.55 6.80 -4.35
C LYS B 195 17.39 5.86 -4.08
N LEU B 196 17.65 4.76 -3.37
CA LEU B 196 16.63 3.78 -3.10
C LEU B 196 15.60 4.34 -2.10
N ILE B 197 16.07 5.16 -1.15
CA ILE B 197 15.15 5.79 -0.21
C ILE B 197 14.15 6.69 -0.95
N GLN B 198 14.63 7.55 -1.84
CA GLN B 198 13.71 8.42 -2.56
C GLN B 198 12.76 7.59 -3.44
N TYR B 199 13.31 6.57 -4.09
CA TYR B 199 12.48 5.71 -4.94
C TYR B 199 11.31 5.12 -4.15
N CYS B 200 11.62 4.59 -2.97
CA CYS B 200 10.60 3.96 -2.14
C CYS B 200 9.68 4.97 -1.47
N GLN B 201 10.25 5.99 -0.81
CA GLN B 201 9.43 6.93 -0.06
C GLN B 201 8.44 7.66 -0.96
N SER B 202 8.85 7.99 -2.17
CA SER B 202 7.98 8.75 -3.06
C SER B 202 6.79 7.91 -3.53
N LYS B 203 6.90 6.60 -3.35
CA LYS B 203 5.83 5.68 -3.71
C LYS B 203 5.11 5.11 -2.50
N GLY B 204 5.31 5.72 -1.33
CA GLY B 204 4.58 5.32 -0.14
C GLY B 204 5.10 4.05 0.51
N ILE B 205 6.31 3.64 0.17
CA ILE B 205 6.95 2.47 0.76
C ILE B 205 7.93 2.98 1.81
N VAL B 206 7.71 2.60 3.07
CA VAL B 206 8.57 3.02 4.17
C VAL B 206 9.87 2.24 4.13
N VAL B 207 10.96 2.93 4.45
CA VAL B 207 12.28 2.30 4.47
C VAL B 207 12.71 2.12 5.92
N THR B 208 13.15 0.89 6.22
CA THR B 208 13.82 0.57 7.48
C THR B 208 15.31 0.42 7.24
N ALA B 209 16.08 1.14 8.06
CA ALA B 209 17.54 1.09 8.05
C ALA B 209 18.04 0.00 8.99
N TYR B 210 18.69 -1.01 8.43
CA TYR B 210 19.33 -2.03 9.22
C TYR B 210 20.85 -1.78 9.31
N SER B 211 21.48 -2.44 10.26
CA SER B 211 22.90 -2.25 10.59
C SER B 211 23.27 -0.76 10.71
N PRO B 212 22.47 0.01 11.46
CA PRO B 212 22.73 1.47 11.52
C PRO B 212 24.05 1.82 12.22
N LEU B 213 24.57 0.91 13.03
CA LEU B 213 25.84 1.12 13.74
C LEU B 213 27.00 0.53 12.96
N GLY B 214 26.73 0.03 11.76
CA GLY B 214 27.75 -0.64 10.97
C GLY B 214 28.04 -2.06 11.37
N SER B 215 27.13 -2.71 12.09
CA SER B 215 27.25 -4.13 12.43
C SER B 215 28.70 -4.52 12.83
N PRO B 216 29.24 -3.93 13.92
CA PRO B 216 30.60 -4.29 14.34
C PRO B 216 30.73 -5.77 14.69
N ASP B 217 29.65 -6.41 15.07
CA ASP B 217 29.68 -7.82 15.41
C ASP B 217 29.39 -8.78 14.26
N ARG B 218 29.27 -8.27 13.05
CA ARG B 218 29.11 -9.13 11.88
C ARG B 218 30.22 -10.19 11.89
N PRO B 219 29.92 -11.42 11.43
CA PRO B 219 30.93 -12.46 11.66
C PRO B 219 32.15 -12.39 10.76
N TRP B 220 32.06 -11.62 9.67
CA TRP B 220 33.08 -11.62 8.64
C TRP B 220 33.81 -10.32 8.51
N ALA B 221 33.66 -9.40 9.45
CA ALA B 221 34.46 -8.17 9.40
C ALA B 221 35.93 -8.41 8.99
N LYS B 222 36.44 -7.54 8.10
CA LYS B 222 37.75 -7.69 7.45
C LYS B 222 38.64 -6.41 7.58
N PRO B 223 39.87 -6.43 6.99
CA PRO B 223 40.88 -5.39 7.27
C PRO B 223 40.66 -4.01 6.63
N GLU B 224 40.18 -3.96 5.39
CA GLU B 224 39.91 -2.68 4.75
C GLU B 224 38.63 -2.04 5.28
N ASP B 225 37.96 -2.71 6.22
N ASP B 225 37.92 -2.74 6.16
CA ASP B 225 36.70 -2.24 6.79
CA ASP B 225 36.67 -2.22 6.71
C ASP B 225 36.85 -1.03 7.74
C ASP B 225 36.96 -0.96 7.51
N PRO B 226 35.77 -0.25 7.90
N PRO B 226 36.19 0.11 7.25
CA PRO B 226 35.58 0.79 8.94
CA PRO B 226 36.37 1.37 7.97
C PRO B 226 34.82 0.34 10.22
C PRO B 226 35.70 1.35 9.34
N SER B 227 35.01 1.10 11.29
N SER B 227 36.05 2.31 10.18
CA SER B 227 34.29 0.89 12.56
CA SER B 227 35.40 2.42 11.48
C SER B 227 33.61 2.21 12.98
C SER B 227 34.16 3.34 11.41
N LEU B 228 32.35 2.36 12.61
N LEU B 228 33.25 3.11 12.39
CA LEU B 228 31.65 3.64 12.70
CA LEU B 228 32.02 3.90 12.57
C LEU B 228 31.62 4.17 14.08
C LEU B 228 31.58 4.22 14.07
N LEU B 229 31.37 3.26 14.98
CA LEU B 229 31.13 3.62 16.38
C LEU B 229 32.33 4.35 17.01
N GLU B 230 33.52 4.11 16.46
CA GLU B 230 34.76 4.70 16.92
CA GLU B 230 34.70 4.80 16.96
C GLU B 230 35.31 5.72 15.93
N ASP B 231 34.54 6.04 14.89
CA ASP B 231 35.01 6.97 13.87
C ASP B 231 35.07 8.37 14.47
N PRO B 232 36.22 9.04 14.41
CA PRO B 232 36.33 10.38 14.98
C PRO B 232 35.31 11.38 14.43
N ARG B 233 34.85 11.23 13.20
CA ARG B 233 33.81 12.11 12.68
C ARG B 233 32.53 11.99 13.53
N ILE B 234 32.20 10.76 13.91
CA ILE B 234 31.01 10.51 14.71
C ILE B 234 31.25 10.87 16.17
N LYS B 235 32.44 10.59 16.69
CA LYS B 235 32.76 10.96 18.07
C LYS B 235 32.60 12.47 18.28
N ALA B 236 33.00 13.27 17.28
CA ALA B 236 32.92 14.73 17.43
C ALA B 236 31.46 15.19 17.47
N ILE B 237 30.61 14.61 16.62
CA ILE B 237 29.19 14.96 16.65
C ILE B 237 28.57 14.53 17.98
N ALA B 238 28.89 13.33 18.43
CA ALA B 238 28.39 12.83 19.70
C ALA B 238 28.78 13.77 20.85
N ALA B 239 30.03 14.23 20.86
CA ALA B 239 30.52 15.12 21.91
C ALA B 239 29.74 16.44 21.93
N LYS B 240 29.36 16.94 20.76
CA LYS B 240 28.65 18.21 20.64
C LYS B 240 27.25 18.14 21.27
N HIS B 241 26.69 16.94 21.35
CA HIS B 241 25.35 16.76 21.88
C HIS B 241 25.34 16.05 23.23
N ASN B 242 26.52 15.73 23.75
CA ASN B 242 26.66 14.87 24.92
C ASN B 242 25.78 13.63 24.79
N LYS B 243 25.97 12.93 23.67
CA LYS B 243 25.31 11.67 23.38
C LYS B 243 26.41 10.67 23.00
N THR B 244 26.06 9.39 22.93
CA THR B 244 27.03 8.41 22.48
C THR B 244 27.04 8.34 20.95
N THR B 245 28.09 7.73 20.42
CA THR B 245 28.16 7.55 18.97
C THR B 245 26.99 6.68 18.48
N ALA B 246 26.57 5.69 19.26
CA ALA B 246 25.41 4.90 18.84
C ALA B 246 24.17 5.76 18.76
N GLN B 247 23.97 6.63 19.75
CA GLN B 247 22.81 7.50 19.74
C GLN B 247 22.80 8.41 18.50
N VAL B 248 23.96 8.96 18.12
CA VAL B 248 24.06 9.74 16.90
C VAL B 248 23.67 8.91 15.68
N LEU B 249 24.21 7.69 15.60
CA LEU B 249 23.97 6.82 14.44
C LEU B 249 22.52 6.33 14.35
N ILE B 250 21.81 6.30 15.48
CA ILE B 250 20.40 5.94 15.50
C ILE B 250 19.54 7.15 15.12
N ARG B 251 19.89 8.32 15.65
CA ARG B 251 19.13 9.53 15.35
C ARG B 251 19.23 9.92 13.88
N PHE B 252 20.38 9.65 13.26
CA PHE B 252 20.66 10.03 11.87
C PHE B 252 19.52 9.54 10.91
N PRO B 253 19.24 8.23 10.85
CA PRO B 253 18.17 7.78 9.94
C PRO B 253 16.80 8.27 10.37
N MET B 254 16.58 8.48 11.66
CA MET B 254 15.28 8.99 12.11
C MET B 254 14.98 10.34 11.46
N GLN B 255 16.00 11.18 11.30
CA GLN B 255 15.82 12.50 10.68
C GLN B 255 15.68 12.47 9.17
N ARG B 256 15.80 11.29 8.59
CA ARG B 256 15.54 11.08 7.17
C ARG B 256 14.21 10.35 6.96
N ASN B 257 13.37 10.34 8.00
CA ASN B 257 12.07 9.69 7.97
CA ASN B 257 12.05 9.70 7.93
C ASN B 257 12.16 8.19 7.72
N LEU B 258 13.22 7.60 8.23
CA LEU B 258 13.41 6.15 8.20
C LEU B 258 13.03 5.54 9.55
N VAL B 259 12.67 4.26 9.51
CA VAL B 259 12.62 3.41 10.68
C VAL B 259 14.04 2.86 10.89
N VAL B 260 14.42 2.61 12.13
CA VAL B 260 15.79 2.12 12.41
C VAL B 260 15.75 1.05 13.50
N ILE B 261 16.60 0.03 13.36
CA ILE B 261 16.53 -1.17 14.19
C ILE B 261 17.90 -1.58 14.77
N PRO B 262 18.51 -0.72 15.60
CA PRO B 262 19.77 -1.08 16.23
C PRO B 262 19.63 -2.36 17.08
N LYS B 263 20.66 -3.21 17.02
CA LYS B 263 20.71 -4.43 17.81
C LYS B 263 21.62 -4.27 19.04
N SER B 264 21.12 -4.74 20.16
CA SER B 264 21.97 -4.97 21.32
C SER B 264 21.37 -6.08 22.17
N VAL B 265 22.25 -6.80 22.86
CA VAL B 265 21.86 -7.69 23.95
C VAL B 265 22.23 -7.16 25.32
N THR B 266 22.81 -5.96 25.37
CA THR B 266 23.34 -5.42 26.61
C THR B 266 22.31 -4.49 27.22
N PRO B 267 21.79 -4.81 28.41
CA PRO B 267 20.67 -4.00 28.94
C PRO B 267 20.90 -2.49 28.97
N GLU B 268 22.11 -2.06 29.35
CA GLU B 268 22.37 -0.63 29.43
C GLU B 268 22.36 0.01 28.07
N ARG B 269 22.86 -0.70 27.06
CA ARG B 269 22.86 -0.18 25.70
C ARG B 269 21.46 -0.19 25.10
N ILE B 270 20.70 -1.23 25.37
CA ILE B 270 19.30 -1.28 24.93
C ILE B 270 18.58 -0.03 25.43
N ALA B 271 18.73 0.29 26.71
CA ALA B 271 18.11 1.49 27.26
C ALA B 271 18.69 2.79 26.65
N GLU B 272 20.02 2.90 26.55
CA GLU B 272 20.73 4.05 25.92
C GLU B 272 20.22 4.35 24.53
N ASN B 273 20.13 3.28 23.76
CA ASN B 273 19.82 3.40 22.36
C ASN B 273 18.41 3.93 22.13
N PHE B 274 17.53 3.77 23.11
CA PHE B 274 16.16 4.25 22.98
C PHE B 274 16.02 5.73 23.33
N LYS B 275 17.04 6.30 23.97
CA LYS B 275 16.97 7.69 24.45
C LYS B 275 17.50 8.63 23.37
N VAL B 276 16.76 8.68 22.28
CA VAL B 276 17.15 9.41 21.07
C VAL B 276 16.03 10.33 20.57
N PHE B 277 15.02 10.54 21.42
CA PHE B 277 13.90 11.40 21.09
C PHE B 277 14.03 12.78 21.78
N ASP B 278 15.17 13.05 22.43
CA ASP B 278 15.36 14.26 23.24
C ASP B 278 16.45 15.18 22.68
N PHE B 279 16.89 14.92 21.45
CA PHE B 279 17.88 15.79 20.84
C PHE B 279 17.73 15.76 19.33
N GLU B 280 18.38 16.71 18.67
CA GLU B 280 18.33 16.82 17.22
C GLU B 280 19.72 17.04 16.68
N LEU B 281 20.04 16.32 15.60
CA LEU B 281 21.25 16.58 14.84
C LEU B 281 21.01 17.83 13.99
N SER B 282 22.01 18.71 13.96
CA SER B 282 21.92 19.96 13.22
C SER B 282 22.11 19.73 11.72
N SER B 283 21.79 20.74 10.92
CA SER B 283 22.02 20.62 9.49
C SER B 283 23.50 20.37 9.21
N GLN B 284 24.40 21.02 9.96
CA GLN B 284 25.83 20.77 9.77
C GLN B 284 26.23 19.34 10.14
N ASP B 285 25.67 18.81 11.21
CA ASP B 285 25.93 17.40 11.56
C ASP B 285 25.48 16.49 10.40
N MET B 286 24.32 16.78 9.84
CA MET B 286 23.78 15.96 8.76
C MET B 286 24.63 16.05 7.52
N THR B 287 25.19 17.22 7.21
CA THR B 287 26.12 17.29 6.08
C THR B 287 27.27 16.31 6.28
N THR B 288 27.86 16.29 7.47
CA THR B 288 28.95 15.39 7.74
C THR B 288 28.54 13.94 7.57
N LEU B 289 27.40 13.61 8.15
CA LEU B 289 26.90 12.24 8.14
C LEU B 289 26.55 11.76 6.73
N LEU B 290 26.23 12.69 5.84
CA LEU B 290 25.83 12.36 4.46
C LEU B 290 26.95 12.52 3.43
N SER B 291 28.15 12.93 3.85
CA SER B 291 29.20 13.27 2.90
C SER B 291 30.43 12.34 2.96
N TYR B 292 30.26 11.11 3.44
CA TYR B 292 31.39 10.17 3.45
C TYR B 292 31.85 9.78 2.05
N ASN B 293 30.95 9.82 1.06
CA ASN B 293 31.28 9.48 -0.33
C ASN B 293 31.75 8.05 -0.52
N ARG B 294 31.21 7.15 0.31
CA ARG B 294 31.53 5.73 0.19
CA ARG B 294 31.52 5.72 0.26
C ARG B 294 30.30 4.87 -0.11
N ASN B 295 30.59 3.63 -0.48
CA ASN B 295 29.60 2.58 -0.67
C ASN B 295 30.31 1.34 -0.10
N TRP B 296 30.12 1.11 1.21
CA TRP B 296 30.70 -0.03 1.93
C TRP B 296 29.56 -0.77 2.61
N ARG B 297 29.49 -2.09 2.40
CA ARG B 297 28.40 -2.94 2.88
C ARG B 297 28.86 -3.95 3.90
N VAL B 298 28.13 -4.00 5.00
CA VAL B 298 28.23 -5.10 5.95
C VAL B 298 27.75 -6.36 5.27
N CYS B 299 26.59 -6.27 4.63
CA CYS B 299 25.86 -7.46 4.23
C CYS B 299 25.88 -7.62 2.72
N ALA B 300 26.85 -8.41 2.27
CA ALA B 300 27.08 -8.68 0.86
C ALA B 300 28.06 -9.84 0.76
N LEU B 301 27.56 -11.03 0.49
CA LEU B 301 28.37 -12.25 0.52
C LEU B 301 28.94 -12.59 -0.84
N LEU B 302 30.24 -12.87 -0.90
CA LEU B 302 30.84 -13.29 -2.16
C LEU B 302 30.14 -14.53 -2.72
N SER B 303 29.71 -15.43 -1.84
CA SER B 303 29.07 -16.66 -2.27
C SER B 303 27.75 -16.44 -2.99
N CYS B 304 27.19 -15.24 -2.89
CA CYS B 304 25.88 -14.93 -3.47
C CYS B 304 25.96 -14.02 -4.72
N THR B 305 27.15 -13.53 -5.05
CA THR B 305 27.28 -12.47 -6.04
C THR B 305 26.94 -12.87 -7.49
N SER B 306 26.84 -14.18 -7.76
CA SER B 306 26.51 -14.65 -9.10
C SER B 306 25.06 -15.17 -9.21
N HIS B 307 24.28 -15.07 -8.13
CA HIS B 307 22.87 -15.41 -8.19
C HIS B 307 22.17 -14.44 -9.16
N LYS B 308 21.24 -14.95 -9.96
CA LYS B 308 20.54 -14.12 -10.95
C LYS B 308 19.87 -12.90 -10.33
N ASP B 309 19.42 -13.06 -9.09
CA ASP B 309 18.72 -11.99 -8.39
C ASP B 309 19.58 -11.29 -7.34
N TYR B 310 20.90 -11.48 -7.39
CA TYR B 310 21.77 -10.76 -6.46
C TYR B 310 21.47 -9.26 -6.59
N PRO B 311 21.22 -8.56 -5.47
CA PRO B 311 20.64 -7.21 -5.62
C PRO B 311 21.62 -6.08 -5.84
N PHE B 312 22.92 -6.30 -5.61
CA PHE B 312 23.82 -5.17 -5.46
C PHE B 312 24.72 -4.90 -6.65
N HIS B 313 24.51 -5.56 -7.78
CA HIS B 313 25.17 -5.13 -9.02
C HIS B 313 24.57 -3.83 -9.57
N GLU B 314 23.25 -3.70 -9.45
CA GLU B 314 22.57 -2.50 -9.91
C GLU B 314 23.04 -1.29 -9.12
N GLU B 315 22.98 -0.12 -9.76
CA GLU B 315 23.36 1.14 -9.11
C GLU B 315 22.54 1.33 -7.82
N PHE B 316 21.25 1.02 -7.87
CA PHE B 316 20.39 1.12 -6.69
C PHE B 316 19.14 0.30 -6.94
PA NAP C . -7.28 8.80 -4.04
O1A NAP C . -6.99 9.81 -5.10
O2A NAP C . -8.60 8.78 -3.34
O5B NAP C . -6.05 8.83 -3.02
C5B NAP C . -5.97 7.90 -1.94
C4B NAP C . -4.64 8.12 -1.23
O4B NAP C . -4.64 9.40 -0.59
C3B NAP C . -4.33 7.09 -0.14
O3B NAP C . -2.93 6.82 -0.16
C2B NAP C . -4.70 7.80 1.14
O2B NAP C . -3.93 7.34 2.25
C1B NAP C . -4.37 9.25 0.80
N9A NAP C . -5.18 10.23 1.54
C8A NAP C . -6.52 10.21 1.65
N7A NAP C . -6.95 11.25 2.36
C5A NAP C . -5.84 11.93 2.72
C6A NAP C . -5.66 13.09 3.47
N6A NAP C . -6.71 13.75 4.01
N1A NAP C . -4.41 13.53 3.64
C2A NAP C . -3.36 12.87 3.11
N3A NAP C . -3.47 11.75 2.39
C4A NAP C . -4.72 11.29 2.20
O3 NAP C . -6.98 7.37 -4.75
PN NAP C . -7.83 6.16 -5.34
O1N NAP C . -8.01 5.11 -4.29
O2N NAP C . -7.13 5.79 -6.62
O5D NAP C . -9.23 6.75 -5.81
C5D NAP C . -10.36 6.82 -4.90
C4D NAP C . -11.35 5.69 -5.16
O4D NAP C . -11.85 5.77 -6.50
C3D NAP C . -10.76 4.29 -5.11
O3D NAP C . -10.47 3.84 -3.79
C2D NAP C . -11.88 3.50 -5.80
O2D NAP C . -12.96 3.39 -4.87
C1D NAP C . -12.21 4.46 -6.97
N1N NAP C . -11.46 4.16 -8.19
C2N NAP C . -12.12 3.59 -9.21
C3N NAP C . -11.47 3.27 -10.39
C7N NAP C . -12.24 2.68 -11.55
O7N NAP C . -11.62 2.16 -12.48
N7N NAP C . -13.57 2.81 -11.55
C4N NAP C . -10.12 3.50 -10.51
C5N NAP C . -9.44 4.11 -9.46
C6N NAP C . -10.15 4.45 -8.30
P2B NAP C . -4.54 6.46 3.46
O1X NAP C . -5.02 7.33 4.56
O2X NAP C . -5.58 5.52 2.86
O3X NAP C . -3.26 5.73 3.79
CL 48I D . -8.97 -2.54 -18.46
C10 48I D . -8.01 -1.81 -17.17
C8 48I D . -7.14 -0.75 -17.35
N16 48I D . -6.88 -0.15 -18.59
O18 48I D . -5.96 0.65 -18.67
O17 48I D . -7.56 -0.37 -19.59
C7 48I D . -6.45 -0.26 -16.23
C19 48I D . -8.19 -2.35 -15.90
C15 48I D . -7.50 -1.85 -14.80
C1 48I D . -6.62 -0.79 -14.96
C3 48I D . -5.80 -0.16 -13.81
N5 48I D . -6.21 -0.69 -12.51
C20 48I D . -7.07 0.01 -11.77
O4 48I D . -7.56 1.16 -12.18
N2 48I D . -7.48 -0.48 -10.56
C13 48I D . -8.52 0.26 -9.85
C11 48I D . -9.87 -0.06 -10.49
O14 48I D . -10.87 0.45 -9.93
O9 48I D . -9.92 -0.77 -11.52
C22 48I D . -7.01 -1.64 -10.10
C23 48I D . -6.08 -2.35 -10.82
C6 48I D . -5.68 -1.85 -12.06
O21 48I D . -4.80 -2.48 -12.84
PA NAP E . 24.02 -2.90 14.37
O1A NAP E . 24.53 -1.92 13.39
O2A NAP E . 22.68 -2.73 15.03
O5B NAP E . 25.19 -3.10 15.46
C5B NAP E . 25.04 -4.09 16.50
C4B NAP E . 26.35 -4.11 17.29
O4B NAP E . 26.51 -2.84 17.92
C3B NAP E . 26.39 -5.17 18.38
O3B NAP E . 27.72 -5.71 18.43
C2B NAP E . 26.09 -4.37 19.64
O2B NAP E . 26.72 -4.95 20.79
C1B NAP E . 26.71 -3.03 19.31
N9A NAP E . 26.08 -1.91 20.03
C8A NAP E . 24.73 -1.70 20.11
N7A NAP E . 24.46 -0.60 20.81
C5A NAP E . 25.68 -0.10 21.17
C6A NAP E . 26.06 1.01 21.92
N6A NAP E . 25.16 1.85 22.47
N1A NAP E . 27.38 1.20 22.12
C2A NAP E . 28.30 0.36 21.60
N3A NAP E . 28.01 -0.71 20.88
C4A NAP E . 26.69 -0.92 20.68
O3 NAP E . 24.10 -4.35 13.66
PN NAP E . 23.09 -5.43 13.01
O1N NAP E . 22.70 -6.40 14.03
O2N NAP E . 23.77 -5.91 11.76
O5D NAP E . 21.83 -4.58 12.50
C5D NAP E . 20.69 -4.33 13.34
C4D NAP E . 19.53 -5.25 13.03
O4D NAP E . 19.11 -5.09 11.65
C3D NAP E . 19.87 -6.74 13.06
O3D NAP E . 20.05 -7.25 14.39
C2D NAP E . 18.67 -7.31 12.31
O2D NAP E . 17.54 -7.29 13.22
C1D NAP E . 18.55 -6.29 11.16
N1N NAP E . 19.30 -6.72 9.95
C2N NAP E . 18.59 -7.13 8.89
C3N NAP E . 19.20 -7.57 7.73
C7N NAP E . 18.41 -7.97 6.52
O7N NAP E . 18.96 -8.58 5.62
N7N NAP E . 17.13 -7.58 6.48
C4N NAP E . 20.58 -7.59 7.68
C5N NAP E . 21.31 -7.15 8.78
C6N NAP E . 20.66 -6.68 9.90
P2B NAP E . 25.94 -5.82 21.91
O1X NAP E . 25.52 -4.82 22.95
O2X NAP E . 24.77 -6.51 21.24
O3X NAP E . 27.00 -6.77 22.40
CL 48I F . 21.31 -13.44 -0.30
C10 48I F . 22.30 -12.91 1.07
C8 48I F . 23.36 -12.02 0.95
N16 48I F . 23.78 -11.44 -0.25
O18 48I F . 24.82 -10.80 -0.28
O17 48I F . 23.12 -11.56 -1.27
C7 48I F . 24.05 -11.67 2.10
C19 48I F . 21.95 -13.44 2.28
C15 48I F . 22.67 -13.08 3.42
C1 48I F . 23.74 -12.19 3.33
C3 48I F . 24.60 -11.76 4.53
N5 48I F . 24.06 -12.30 5.80
C20 48I F . 23.21 -11.52 6.49
O4 48I F . 22.87 -10.34 6.06
N2 48I F . 22.67 -11.99 7.67
C13 48I F . 21.67 -11.15 8.32
C11 48I F . 20.34 -11.18 7.59
O14 48I F . 19.43 -10.49 8.13
O9 48I F . 20.22 -11.85 6.54
C22 48I F . 23.00 -13.19 8.15
C23 48I F . 23.92 -13.97 7.46
C6 48I F . 24.46 -13.49 6.29
O21 48I F . 25.33 -14.20 5.58
#